data_7VFP
#
_entry.id   7VFP
#
_cell.length_a   1.00
_cell.length_b   1.00
_cell.length_c   1.00
_cell.angle_alpha   90.00
_cell.angle_beta   90.00
_cell.angle_gamma   90.00
#
_symmetry.space_group_name_H-M   'P 1'
#
loop_
_entity.id
_entity.type
_entity.pdbx_description
1 polymer 'Cytochrome c biogenesis ATP-binding export protein CcmA'
2 polymer 'Heme exporter protein B'
3 polymer 'Heme exporter protein C'
4 polymer 'Heme exporter protein D'
5 non-polymer 'PROTOPORPHYRIN IX CONTAINING FE'
6 non-polymer 'MAGNESIUM ION'
7 non-polymer "ADENOSINE-5'-TRIPHOSPHATE"
8 water water
#
loop_
_entity_poly.entity_id
_entity_poly.type
_entity_poly.pdbx_seq_one_letter_code
_entity_poly.pdbx_strand_id
1 'polypeptide(L)'
;MGMLEARELLCERDERTLFSGLSFTLNAGEWVQITGSNGAGKTTLLRLLTGLSRPDAGEVLWQGQPLHQVRDSYHQNLLW
IGHQPGIKTRLTALENLHFYHRDGDTAQCLEALAQAGLAGFEDIPVNQLSAGQQRRVALARLWLTRATLWILDEPFTAID
VNGVDRLTQRMAQHTEQGGIVILTTHQPLNVAESKIRRISLT
;
A,E
2 'polypeptide(L)'
;MMFWRIFRLELRVAFRHSAEIANPLWFFLIVITLFPLSIGPEPQLLARIAPGIIWVAALLSSLLALERLFRDDLQDGSLE
QLMLLPLPLPAVVLAKVMAHWMVTGLPLLILSPLVAMLLGMDVYGWQVMALTLLLGTPTLGFLGAPGVALTVGLKRGGVL
LSILVLPLTIPLLIFATAAMDAASMHLPVDGYLAILGALLAGTATLSPFATAAALRISIQ
;
B,F
3 'polypeptide(L)'
;MWKTLHQLAIPPRLYQICGWFIPWLAIASVVVLTVGWIWGFGFAPADYQQGNSYRIIYLHVPAAIWSMGIYASMAVAAFI
GLVWQMKMANLAVAAMAPIGAVFTFIALVTGSAWGKPMWGTWWVWDARLTSELVLLFLYVGVIALWHAFDDRRLAGRAAG
ILVLIGVVNLPIIHYSVEWWNTLHQGSTRMQQSIDPAMRSPLRWSIFGFLLLSATLTLMRMRNLILLMEKRRPWVSELIL
KRGRK
;
C
4 'polypeptide(L)' MTPAFASWNEFFAMGGYAFFVWLAVVMTVIPLVVLVVHSVMQHRAILRGVAQQRAREARLRAAQQQEAA D
#
loop_
_chem_comp.id
_chem_comp.type
_chem_comp.name
_chem_comp.formula
ATP non-polymer ADENOSINE-5'-TRIPHOSPHATE 'C10 H16 N5 O13 P3'
HEM non-polymer 'PROTOPORPHYRIN IX CONTAINING FE' 'C34 H32 Fe N4 O4'
MG non-polymer 'MAGNESIUM ION' 'Mg 2'
#
# COMPACT_ATOMS: atom_id res chain seq x y z
N MET A 1 -48.98 -8.20 -14.83
CA MET A 1 -48.95 -9.54 -15.39
C MET A 1 -47.56 -9.89 -15.90
N GLY A 2 -46.82 -10.66 -15.10
CA GLY A 2 -45.52 -11.13 -15.50
C GLY A 2 -44.41 -10.21 -15.01
N MET A 3 -43.19 -10.74 -15.07
CA MET A 3 -42.00 -10.12 -14.52
C MET A 3 -41.48 -9.03 -15.46
N LEU A 4 -40.21 -8.67 -15.27
CA LEU A 4 -39.53 -7.58 -15.99
C LEU A 4 -39.94 -7.46 -17.45
N GLU A 5 -40.29 -6.25 -17.87
CA GLU A 5 -40.71 -5.97 -19.23
C GLU A 5 -40.00 -4.72 -19.72
N ALA A 6 -39.43 -4.80 -20.92
CA ALA A 6 -38.83 -3.63 -21.53
C ALA A 6 -39.91 -2.75 -22.13
N ARG A 7 -39.68 -1.43 -22.08
CA ARG A 7 -40.67 -0.45 -22.51
C ARG A 7 -39.94 0.66 -23.26
N GLU A 8 -39.91 0.54 -24.60
CA GLU A 8 -39.23 1.47 -25.52
C GLU A 8 -37.93 2.02 -24.95
N LEU A 9 -37.02 1.13 -24.55
CA LEU A 9 -35.75 1.56 -23.99
C LEU A 9 -34.93 2.33 -25.01
N LEU A 10 -34.39 3.47 -24.58
CA LEU A 10 -33.46 4.25 -25.39
C LEU A 10 -32.25 4.61 -24.55
N CYS A 11 -31.06 4.42 -25.11
CA CYS A 11 -29.83 4.83 -24.45
C CYS A 11 -28.80 5.19 -25.51
N GLU A 12 -27.81 5.98 -25.11
CA GLU A 12 -26.82 6.50 -26.05
C GLU A 12 -25.50 6.74 -25.34
N ARG A 13 -24.41 6.43 -26.04
CA ARG A 13 -23.06 6.75 -25.59
C ARG A 13 -22.32 7.49 -26.71
N ASP A 14 -21.58 8.53 -26.32
CA ASP A 14 -20.81 9.34 -27.27
C ASP A 14 -21.70 9.87 -28.38
N GLU A 15 -21.53 9.35 -29.59
CA GLU A 15 -22.34 9.74 -30.73
C GLU A 15 -23.17 8.61 -31.31
N ARG A 16 -22.89 7.36 -30.95
CA ARG A 16 -23.61 6.21 -31.47
C ARG A 16 -24.57 5.68 -30.40
N THR A 17 -25.85 5.66 -30.72
CA THR A 17 -26.82 5.00 -29.85
C THR A 17 -26.67 3.49 -29.98
N LEU A 18 -26.65 2.80 -28.84
CA LEU A 18 -26.40 1.37 -28.86
C LEU A 18 -27.62 0.59 -29.33
N PHE A 19 -28.81 1.17 -29.22
CA PHE A 19 -30.06 0.51 -29.57
C PHE A 19 -31.15 1.56 -29.64
N SER A 20 -32.39 1.12 -29.87
CA SER A 20 -33.50 2.05 -30.03
C SER A 20 -34.82 1.31 -29.78
N GLY A 21 -35.53 1.71 -28.74
CA GLY A 21 -36.90 1.29 -28.53
C GLY A 21 -37.12 -0.18 -28.25
N LEU A 22 -36.30 -0.79 -27.40
CA LEU A 22 -36.51 -2.18 -27.03
C LEU A 22 -37.70 -2.30 -26.09
N SER A 23 -38.62 -3.20 -26.42
CA SER A 23 -39.78 -3.47 -25.56
C SER A 23 -40.16 -4.94 -25.74
N PHE A 24 -39.67 -5.79 -24.86
CA PHE A 24 -39.91 -7.22 -24.93
C PHE A 24 -40.17 -7.77 -23.52
N THR A 25 -41.27 -8.51 -23.38
CA THR A 25 -41.71 -9.02 -22.09
C THR A 25 -41.29 -10.47 -21.93
N LEU A 26 -40.80 -10.82 -20.75
CA LEU A 26 -40.32 -12.16 -20.44
C LEU A 26 -41.16 -12.76 -19.32
N ASN A 27 -41.52 -14.03 -19.46
CA ASN A 27 -42.25 -14.73 -18.41
C ASN A 27 -41.38 -15.84 -17.82
N ALA A 28 -42.00 -16.65 -16.96
CA ALA A 28 -41.27 -17.73 -16.31
C ALA A 28 -40.86 -18.80 -17.31
N GLY A 29 -39.76 -19.49 -16.99
CA GLY A 29 -39.29 -20.58 -17.81
C GLY A 29 -38.74 -20.19 -19.17
N GLU A 30 -37.90 -19.16 -19.23
CA GLU A 30 -37.23 -18.76 -20.46
C GLU A 30 -35.72 -18.74 -20.24
N TRP A 31 -35.00 -19.46 -21.08
CA TRP A 31 -33.56 -19.29 -21.22
C TRP A 31 -33.34 -18.47 -22.49
N VAL A 32 -32.76 -17.29 -22.32
CA VAL A 32 -32.62 -16.33 -23.41
C VAL A 32 -31.20 -15.81 -23.44
N GLN A 33 -30.77 -15.35 -24.61
CA GLN A 33 -29.40 -14.87 -24.82
C GLN A 33 -29.41 -13.65 -25.72
N ILE A 34 -28.66 -12.62 -25.33
CA ILE A 34 -28.51 -11.42 -26.13
C ILE A 34 -27.49 -11.66 -27.23
N THR A 35 -27.86 -11.36 -28.46
CA THR A 35 -26.95 -11.48 -29.60
C THR A 35 -26.33 -10.13 -29.93
N GLY A 36 -25.65 -10.06 -31.07
CA GLY A 36 -24.92 -8.87 -31.44
C GLY A 36 -23.45 -8.96 -31.09
N SER A 37 -23.00 -8.09 -30.20
CA SER A 37 -21.62 -8.11 -29.71
C SER A 37 -21.59 -7.31 -28.40
N ASN A 38 -20.39 -7.05 -27.90
CA ASN A 38 -20.20 -6.30 -26.66
C ASN A 38 -19.16 -5.20 -26.90
N GLY A 39 -19.62 -4.08 -27.44
CA GLY A 39 -18.76 -2.91 -27.55
C GLY A 39 -18.98 -1.91 -26.45
N ALA A 40 -20.22 -1.47 -26.29
CA ALA A 40 -20.63 -0.58 -25.22
C ALA A 40 -21.89 -1.04 -24.50
N GLY A 41 -22.82 -1.65 -25.21
CA GLY A 41 -24.09 -2.08 -24.62
C GLY A 41 -24.00 -3.34 -23.80
N LYS A 42 -22.81 -3.94 -23.70
CA LYS A 42 -22.62 -5.13 -22.88
C LYS A 42 -23.18 -4.94 -21.48
N THR A 43 -22.58 -4.02 -20.73
CA THR A 43 -23.07 -3.72 -19.39
C THR A 43 -24.32 -2.85 -19.43
N THR A 44 -24.48 -2.05 -20.50
CA THR A 44 -25.57 -1.10 -20.54
C THR A 44 -26.93 -1.80 -20.54
N LEU A 45 -27.11 -2.77 -21.43
CA LEU A 45 -28.41 -3.43 -21.52
C LEU A 45 -28.74 -4.16 -20.24
N LEU A 46 -27.75 -4.81 -19.63
CA LEU A 46 -28.02 -5.58 -18.41
C LEU A 46 -28.26 -4.67 -17.21
N ARG A 47 -27.46 -3.60 -17.07
CA ARG A 47 -27.60 -2.74 -15.89
C ARG A 47 -28.95 -2.06 -15.86
N LEU A 48 -29.45 -1.64 -17.03
CA LEU A 48 -30.78 -1.04 -17.10
C LEU A 48 -31.87 -2.04 -16.72
N LEU A 49 -31.72 -3.30 -17.12
CA LEU A 49 -32.66 -4.33 -16.69
C LEU A 49 -32.62 -4.52 -15.18
N THR A 50 -31.46 -4.31 -14.57
CA THR A 50 -31.31 -4.44 -13.14
C THR A 50 -31.62 -3.16 -12.36
N GLY A 51 -31.80 -2.04 -13.05
CA GLY A 51 -32.02 -0.78 -12.38
C GLY A 51 -30.77 -0.10 -11.86
N LEU A 52 -29.58 -0.64 -12.18
CA LEU A 52 -28.35 -0.02 -11.72
C LEU A 52 -28.15 1.36 -12.32
N SER A 53 -28.53 1.54 -13.59
CA SER A 53 -28.43 2.82 -14.27
C SER A 53 -29.82 3.29 -14.67
N ARG A 54 -29.95 4.59 -14.86
CA ARG A 54 -31.25 5.01 -15.34
C ARG A 54 -31.23 5.21 -16.86
N PRO A 55 -32.34 4.93 -17.53
CA PRO A 55 -32.35 5.00 -18.99
C PRO A 55 -32.46 6.42 -19.50
N ASP A 56 -31.83 6.66 -20.65
CA ASP A 56 -31.95 7.95 -21.30
C ASP A 56 -33.40 8.25 -21.66
N ALA A 57 -34.12 7.23 -22.14
CA ALA A 57 -35.57 7.35 -22.33
C ALA A 57 -36.13 5.93 -22.33
N GLY A 58 -36.85 5.59 -21.28
CA GLY A 58 -37.45 4.26 -21.17
C GLY A 58 -37.59 3.87 -19.71
N GLU A 59 -37.97 2.61 -19.52
CA GLU A 59 -38.17 2.05 -18.18
C GLU A 59 -38.41 0.55 -18.33
N VAL A 60 -38.14 -0.17 -17.24
CA VAL A 60 -38.46 -1.59 -17.15
C VAL A 60 -39.26 -1.82 -15.87
N LEU A 61 -40.34 -2.58 -15.99
CA LEU A 61 -41.25 -2.83 -14.88
C LEU A 61 -41.16 -4.30 -14.47
N TRP A 62 -40.75 -4.54 -13.24
CA TRP A 62 -40.64 -5.89 -12.69
C TRP A 62 -41.97 -6.26 -12.04
N GLN A 63 -42.53 -7.39 -12.47
CA GLN A 63 -43.83 -7.87 -11.97
C GLN A 63 -44.93 -6.83 -12.16
N GLY A 64 -44.80 -6.00 -13.18
CA GLY A 64 -45.80 -4.97 -13.47
C GLY A 64 -45.62 -3.66 -12.73
N GLN A 65 -44.61 -3.54 -11.88
CA GLN A 65 -44.40 -2.33 -11.11
C GLN A 65 -42.99 -1.80 -11.36
N PRO A 66 -42.77 -0.49 -11.19
CA PRO A 66 -41.44 0.07 -11.45
C PRO A 66 -40.38 -0.55 -10.54
N LEU A 67 -39.19 -0.72 -11.10
CA LEU A 67 -38.10 -1.34 -10.36
C LEU A 67 -37.67 -0.47 -9.19
N HIS A 68 -37.52 0.83 -9.40
CA HIS A 68 -37.10 1.73 -8.34
C HIS A 68 -38.22 2.01 -7.35
N GLN A 69 -39.48 1.81 -7.75
CA GLN A 69 -40.58 2.03 -6.82
C GLN A 69 -40.54 1.04 -5.66
N VAL A 70 -40.21 -0.21 -5.92
CA VAL A 70 -40.19 -1.24 -4.89
C VAL A 70 -38.76 -1.45 -4.38
N ARG A 71 -37.85 -1.80 -5.29
CA ARG A 71 -36.42 -1.92 -4.99
C ARG A 71 -36.15 -3.06 -4.01
N ASP A 72 -37.21 -3.73 -3.54
CA ASP A 72 -37.10 -4.77 -2.54
C ASP A 72 -37.47 -6.15 -3.06
N SER A 73 -38.65 -6.31 -3.67
CA SER A 73 -39.05 -7.58 -4.23
C SER A 73 -38.30 -7.93 -5.51
N TYR A 74 -37.54 -6.99 -6.06
CA TYR A 74 -36.76 -7.24 -7.27
C TYR A 74 -35.34 -7.70 -6.95
N HIS A 75 -34.69 -7.06 -5.99
CA HIS A 75 -33.31 -7.43 -5.65
C HIS A 75 -33.23 -8.81 -5.01
N GLN A 76 -34.30 -9.22 -4.30
CA GLN A 76 -34.26 -10.51 -3.61
C GLN A 76 -34.22 -11.68 -4.58
N ASN A 77 -34.81 -11.53 -5.77
CA ASN A 77 -34.73 -12.54 -6.82
C ASN A 77 -33.85 -11.99 -7.94
N LEU A 78 -32.54 -12.15 -7.77
CA LEU A 78 -31.58 -11.72 -8.78
C LEU A 78 -30.19 -12.20 -8.39
N LEU A 79 -29.41 -12.61 -9.39
CA LEU A 79 -27.97 -12.81 -9.26
C LEU A 79 -27.30 -12.18 -10.45
N TRP A 80 -26.08 -11.67 -10.24
CA TRP A 80 -25.34 -11.07 -11.34
C TRP A 80 -23.84 -11.30 -11.18
N ILE A 81 -23.22 -11.78 -12.24
CA ILE A 81 -21.77 -11.84 -12.38
C ILE A 81 -21.43 -11.40 -13.80
N GLY A 82 -20.52 -10.45 -13.93
CA GLY A 82 -20.16 -9.91 -15.23
C GLY A 82 -18.66 -9.84 -15.40
N HIS A 83 -18.21 -8.73 -16.02
CA HIS A 83 -16.79 -8.51 -16.24
C HIS A 83 -16.04 -8.47 -14.91
N GLN A 84 -16.61 -7.76 -13.93
CA GLN A 84 -16.11 -7.81 -12.56
C GLN A 84 -17.12 -8.55 -11.70
N PRO A 85 -16.75 -9.71 -11.14
CA PRO A 85 -17.74 -10.52 -10.40
C PRO A 85 -18.30 -9.83 -9.17
N GLY A 86 -17.62 -8.81 -8.64
CA GLY A 86 -18.12 -8.11 -7.48
C GLY A 86 -17.78 -8.76 -6.16
N ILE A 87 -17.00 -9.82 -6.16
CA ILE A 87 -16.53 -10.48 -4.94
C ILE A 87 -15.15 -9.93 -4.61
N LYS A 88 -14.88 -9.71 -3.32
CA LYS A 88 -13.63 -9.09 -2.93
C LYS A 88 -12.49 -10.10 -3.00
N THR A 89 -11.33 -9.63 -3.48
CA THR A 89 -10.19 -10.52 -3.69
C THR A 89 -9.45 -10.82 -2.39
N ARG A 90 -9.68 -10.05 -1.33
CA ARG A 90 -8.96 -10.27 -0.08
C ARG A 90 -9.39 -11.56 0.60
N LEU A 91 -10.70 -11.78 0.72
CA LEU A 91 -11.19 -12.87 1.54
C LEU A 91 -10.94 -14.22 0.88
N THR A 92 -11.09 -15.28 1.67
CA THR A 92 -11.02 -16.62 1.12
C THR A 92 -12.33 -16.99 0.45
N ALA A 93 -12.28 -18.05 -0.36
CA ALA A 93 -13.47 -18.46 -1.11
C ALA A 93 -14.61 -18.87 -0.18
N LEU A 94 -14.29 -19.59 0.89
CA LEU A 94 -15.34 -20.11 1.77
C LEU A 94 -16.06 -18.98 2.50
N GLU A 95 -15.31 -18.06 3.10
CA GLU A 95 -15.94 -16.98 3.87
C GLU A 95 -16.63 -15.98 2.96
N ASN A 96 -16.10 -15.74 1.76
CA ASN A 96 -16.68 -14.75 0.87
C ASN A 96 -18.10 -15.12 0.47
N LEU A 97 -18.37 -16.42 0.27
CA LEU A 97 -19.70 -16.86 -0.09
C LEU A 97 -20.64 -16.82 1.12
N HIS A 98 -20.10 -16.93 2.33
CA HIS A 98 -20.96 -17.04 3.52
C HIS A 98 -21.83 -15.81 3.70
N PHE A 99 -21.25 -14.61 3.55
CA PHE A 99 -22.06 -13.41 3.63
C PHE A 99 -23.07 -13.35 2.50
N TYR A 100 -22.65 -13.69 1.29
CA TYR A 100 -23.54 -13.68 0.13
C TYR A 100 -24.74 -14.59 0.35
N HIS A 101 -24.52 -15.77 0.91
CA HIS A 101 -25.59 -16.69 1.27
C HIS A 101 -26.39 -16.10 2.43
N ARG A 102 -27.68 -16.41 2.45
CA ARG A 102 -28.60 -15.67 3.32
C ARG A 102 -28.32 -15.90 4.80
N ASP A 103 -27.74 -17.04 5.15
CA ASP A 103 -27.28 -17.25 6.52
C ASP A 103 -25.90 -17.87 6.66
N GLY A 104 -25.38 -18.52 5.62
CA GLY A 104 -24.06 -19.14 5.71
C GLY A 104 -24.00 -20.25 6.73
N ASP A 105 -24.97 -21.17 6.68
CA ASP A 105 -25.06 -22.26 7.64
C ASP A 105 -23.88 -23.22 7.56
N THR A 106 -23.08 -23.15 6.49
CA THR A 106 -21.82 -23.88 6.34
C THR A 106 -22.08 -25.36 6.08
N ALA A 107 -23.34 -25.79 6.20
CA ALA A 107 -23.69 -27.16 5.91
C ALA A 107 -23.78 -27.44 4.42
N GLN A 108 -23.83 -26.40 3.58
CA GLN A 108 -23.95 -26.56 2.14
C GLN A 108 -23.00 -25.67 1.35
N CYS A 109 -22.27 -24.78 2.01
CA CYS A 109 -21.38 -23.87 1.27
C CYS A 109 -20.28 -24.65 0.56
N LEU A 110 -19.59 -25.53 1.29
CA LEU A 110 -18.56 -26.35 0.66
C LEU A 110 -19.14 -27.26 -0.41
N GLU A 111 -20.42 -27.65 -0.26
CA GLU A 111 -21.07 -28.44 -1.29
C GLU A 111 -21.13 -27.68 -2.61
N ALA A 112 -21.47 -26.39 -2.56
CA ALA A 112 -21.44 -25.57 -3.77
C ALA A 112 -20.03 -25.45 -4.31
N LEU A 113 -19.05 -25.24 -3.43
CA LEU A 113 -17.66 -25.17 -3.87
C LEU A 113 -17.22 -26.50 -4.48
N ALA A 114 -17.61 -27.61 -3.87
CA ALA A 114 -17.27 -28.92 -4.41
C ALA A 114 -17.88 -29.11 -5.79
N GLN A 115 -19.13 -28.72 -5.97
CA GLN A 115 -19.78 -28.88 -7.25
C GLN A 115 -19.32 -27.86 -8.28
N ALA A 116 -18.59 -26.83 -7.86
CA ALA A 116 -18.09 -25.81 -8.77
C ALA A 116 -16.69 -26.12 -9.27
N GLY A 117 -16.17 -27.30 -8.97
CA GLY A 117 -14.80 -27.63 -9.30
C GLY A 117 -13.77 -27.06 -8.34
N LEU A 118 -14.21 -26.34 -7.30
CA LEU A 118 -13.30 -25.75 -6.33
C LEU A 118 -13.20 -26.65 -5.09
N ALA A 119 -12.76 -27.88 -5.33
CA ALA A 119 -12.64 -28.88 -4.28
C ALA A 119 -11.36 -28.62 -3.48
N GLY A 120 -11.51 -28.34 -2.19
CA GLY A 120 -10.38 -28.09 -1.32
C GLY A 120 -9.88 -26.67 -1.32
N PHE A 121 -10.42 -25.79 -2.16
CA PHE A 121 -10.03 -24.39 -2.20
C PHE A 121 -10.88 -23.53 -1.27
N GLU A 122 -11.46 -24.12 -0.23
CA GLU A 122 -12.32 -23.36 0.66
C GLU A 122 -11.52 -22.36 1.49
N ASP A 123 -10.43 -22.81 2.11
CA ASP A 123 -9.69 -21.97 3.04
C ASP A 123 -8.63 -21.12 2.36
N ILE A 124 -8.34 -21.36 1.09
CA ILE A 124 -7.36 -20.54 0.36
C ILE A 124 -7.98 -19.19 0.06
N PRO A 125 -7.24 -18.09 0.23
CA PRO A 125 -7.76 -16.79 -0.20
C PRO A 125 -8.02 -16.79 -1.70
N VAL A 126 -9.11 -16.13 -2.10
CA VAL A 126 -9.54 -16.20 -3.49
C VAL A 126 -8.55 -15.52 -4.42
N ASN A 127 -7.75 -14.58 -3.92
CA ASN A 127 -6.74 -13.94 -4.76
C ASN A 127 -5.67 -14.95 -5.19
N GLN A 128 -5.47 -16.00 -4.40
CA GLN A 128 -4.48 -17.02 -4.72
C GLN A 128 -4.94 -17.98 -5.80
N LEU A 129 -6.21 -17.93 -6.19
CA LEU A 129 -6.69 -18.74 -7.31
C LEU A 129 -6.09 -18.19 -8.60
N SER A 130 -5.64 -19.10 -9.47
CA SER A 130 -4.71 -18.73 -10.53
C SER A 130 -5.28 -17.73 -11.54
N ALA A 131 -6.22 -18.15 -12.38
CA ALA A 131 -6.76 -17.24 -13.38
C ALA A 131 -8.27 -17.30 -13.57
N GLY A 132 -8.93 -18.42 -13.26
CA GLY A 132 -10.35 -18.55 -13.56
C GLY A 132 -11.21 -18.91 -12.38
N GLN A 133 -10.61 -19.52 -11.36
CA GLN A 133 -11.37 -20.02 -10.22
C GLN A 133 -12.06 -18.90 -9.47
N GLN A 134 -11.58 -17.67 -9.62
CA GLN A 134 -12.24 -16.53 -8.97
C GLN A 134 -13.66 -16.35 -9.48
N ARG A 135 -13.87 -16.48 -10.80
CA ARG A 135 -15.22 -16.47 -11.33
C ARG A 135 -16.01 -17.68 -10.87
N ARG A 136 -15.35 -18.83 -10.71
CA ARG A 136 -16.03 -20.02 -10.21
C ARG A 136 -16.61 -19.78 -8.83
N VAL A 137 -15.93 -19.00 -7.99
CA VAL A 137 -16.46 -18.67 -6.67
C VAL A 137 -17.79 -17.92 -6.82
N ALA A 138 -17.81 -16.92 -7.71
CA ALA A 138 -19.05 -16.19 -7.97
C ALA A 138 -20.12 -17.11 -8.54
N LEU A 139 -19.73 -17.97 -9.47
CA LEU A 139 -20.66 -18.92 -10.06
C LEU A 139 -21.09 -20.01 -9.09
N ALA A 140 -20.37 -20.17 -7.97
CA ALA A 140 -20.75 -21.18 -6.98
C ALA A 140 -22.03 -20.82 -6.25
N ARG A 141 -22.41 -19.54 -6.25
CA ARG A 141 -23.67 -19.13 -5.61
C ARG A 141 -24.86 -19.87 -6.18
N LEU A 142 -24.84 -20.14 -7.49
CA LEU A 142 -26.03 -20.55 -8.21
C LEU A 142 -26.53 -21.92 -7.77
N TRP A 143 -25.73 -22.69 -7.05
CA TRP A 143 -26.21 -23.93 -6.45
C TRP A 143 -27.07 -23.68 -5.22
N LEU A 144 -26.89 -22.55 -4.54
CA LEU A 144 -27.52 -22.30 -3.25
C LEU A 144 -28.64 -21.29 -3.28
N THR A 145 -28.59 -20.31 -4.18
CA THR A 145 -29.55 -19.22 -4.15
C THR A 145 -30.94 -19.70 -4.55
N ARG A 146 -31.94 -19.17 -3.86
CA ARG A 146 -33.34 -19.44 -4.17
C ARG A 146 -33.94 -18.41 -5.12
N ALA A 147 -33.14 -17.47 -5.61
CA ALA A 147 -33.65 -16.45 -6.53
C ALA A 147 -34.05 -17.08 -7.85
N THR A 148 -35.08 -16.51 -8.47
CA THR A 148 -35.61 -17.03 -9.73
C THR A 148 -35.10 -16.28 -10.95
N LEU A 149 -34.25 -15.29 -10.77
CA LEU A 149 -33.75 -14.46 -11.87
C LEU A 149 -32.23 -14.55 -11.93
N TRP A 150 -31.69 -14.45 -13.14
CA TRP A 150 -30.26 -14.44 -13.32
C TRP A 150 -29.88 -13.53 -14.49
N ILE A 151 -29.15 -12.46 -14.18
CA ILE A 151 -28.52 -11.58 -15.16
C ILE A 151 -27.01 -11.81 -15.09
N LEU A 152 -26.43 -12.29 -16.18
CA LEU A 152 -25.04 -12.68 -16.18
C LEU A 152 -24.35 -12.21 -17.46
N ASP A 153 -23.13 -11.69 -17.31
CA ASP A 153 -22.31 -11.24 -18.42
C ASP A 153 -21.02 -12.02 -18.45
N GLU A 154 -20.63 -12.49 -19.65
CA GLU A 154 -19.43 -13.29 -19.85
C GLU A 154 -19.29 -14.41 -18.81
N PRO A 155 -20.31 -15.26 -18.66
CA PRO A 155 -20.21 -16.33 -17.65
C PRO A 155 -19.22 -17.41 -18.04
N PHE A 156 -18.81 -17.47 -19.29
CA PHE A 156 -17.83 -18.44 -19.77
C PHE A 156 -16.62 -17.74 -20.38
N THR A 157 -16.26 -16.58 -19.84
CA THR A 157 -15.18 -15.79 -20.43
C THR A 157 -13.85 -16.51 -20.35
N ALA A 158 -13.59 -17.21 -19.24
CA ALA A 158 -12.36 -17.99 -19.10
C ALA A 158 -12.62 -19.33 -18.42
N ILE A 159 -13.87 -19.72 -18.31
CA ILE A 159 -14.26 -21.00 -17.71
C ILE A 159 -13.94 -22.12 -18.68
N ASP A 160 -13.39 -23.21 -18.16
CA ASP A 160 -13.09 -24.36 -19.01
C ASP A 160 -14.38 -25.00 -19.50
N VAL A 161 -14.28 -25.72 -20.62
CA VAL A 161 -15.46 -26.27 -21.28
C VAL A 161 -16.23 -27.18 -20.34
N ASN A 162 -15.52 -28.04 -19.60
CA ASN A 162 -16.18 -28.85 -18.59
C ASN A 162 -16.82 -27.97 -17.51
N GLY A 163 -16.10 -26.95 -17.07
CA GLY A 163 -16.70 -25.96 -16.19
C GLY A 163 -17.87 -25.24 -16.86
N VAL A 164 -17.71 -24.90 -18.14
CA VAL A 164 -18.82 -24.30 -18.88
C VAL A 164 -19.99 -25.26 -18.97
N ASP A 165 -19.70 -26.54 -19.26
CA ASP A 165 -20.76 -27.51 -19.47
C ASP A 165 -21.63 -27.66 -18.24
N ARG A 166 -21.02 -27.74 -17.05
CA ARG A 166 -21.80 -27.84 -15.83
C ARG A 166 -22.66 -26.61 -15.62
N LEU A 167 -22.11 -25.42 -15.94
CA LEU A 167 -22.87 -24.19 -15.79
C LEU A 167 -24.09 -24.17 -16.70
N THR A 168 -23.93 -24.62 -17.94
CA THR A 168 -25.04 -24.59 -18.90
C THR A 168 -26.16 -25.52 -18.46
N GLN A 169 -25.83 -26.76 -18.10
CA GLN A 169 -26.86 -27.74 -17.77
C GLN A 169 -27.64 -27.37 -16.51
N ARG A 170 -27.05 -26.55 -15.63
CA ARG A 170 -27.80 -26.07 -14.48
C ARG A 170 -28.77 -24.96 -14.87
N MET A 171 -28.44 -24.17 -15.90
CA MET A 171 -29.31 -23.09 -16.31
C MET A 171 -30.63 -23.61 -16.85
N ALA A 172 -30.57 -24.62 -17.72
CA ALA A 172 -31.79 -25.22 -18.25
C ALA A 172 -32.60 -25.89 -17.15
N GLN A 173 -31.93 -26.33 -16.08
CA GLN A 173 -32.61 -27.08 -15.03
C GLN A 173 -33.68 -26.22 -14.35
N HIS A 174 -33.30 -25.04 -13.87
CA HIS A 174 -34.26 -24.24 -13.13
C HIS A 174 -35.26 -23.56 -14.06
N THR A 175 -34.87 -23.28 -15.30
CA THR A 175 -35.83 -22.78 -16.28
C THR A 175 -36.98 -23.75 -16.47
N GLU A 176 -36.72 -25.05 -16.30
CA GLU A 176 -37.81 -26.01 -16.33
C GLU A 176 -38.71 -25.86 -15.11
N GLN A 177 -38.15 -25.48 -13.95
CA GLN A 177 -38.95 -25.37 -12.73
C GLN A 177 -39.68 -24.03 -12.65
N GLY A 178 -38.93 -22.95 -12.45
CA GLY A 178 -39.52 -21.62 -12.48
C GLY A 178 -38.60 -20.52 -12.98
N GLY A 179 -37.37 -20.88 -13.34
CA GLY A 179 -36.34 -19.88 -13.50
C GLY A 179 -36.30 -19.23 -14.87
N ILE A 180 -35.41 -18.25 -14.98
CA ILE A 180 -35.11 -17.57 -16.24
C ILE A 180 -33.60 -17.44 -16.35
N VAL A 181 -33.08 -17.50 -17.57
CA VAL A 181 -31.66 -17.34 -17.81
C VAL A 181 -31.45 -16.39 -18.99
N ILE A 182 -30.77 -15.27 -18.74
CA ILE A 182 -30.25 -14.38 -19.76
C ILE A 182 -28.73 -14.37 -19.68
N LEU A 183 -28.08 -14.52 -20.84
CA LEU A 183 -26.64 -14.60 -20.93
C LEU A 183 -26.15 -13.75 -22.09
N THR A 184 -24.95 -13.21 -21.94
CA THR A 184 -24.28 -12.45 -22.99
C THR A 184 -22.94 -13.14 -23.24
N THR A 185 -22.92 -14.05 -24.22
CA THR A 185 -21.77 -14.92 -24.44
C THR A 185 -21.21 -14.70 -25.84
N HIS A 186 -19.90 -14.45 -25.92
CA HIS A 186 -19.22 -14.48 -27.21
C HIS A 186 -18.99 -15.91 -27.68
N GLN A 187 -18.66 -16.80 -26.76
CA GLN A 187 -18.51 -18.21 -27.09
C GLN A 187 -19.89 -18.83 -27.36
N PRO A 188 -20.07 -19.53 -28.48
CA PRO A 188 -21.38 -20.11 -28.77
C PRO A 188 -21.80 -21.12 -27.71
N LEU A 189 -23.09 -21.13 -27.40
CA LEU A 189 -23.62 -22.04 -26.40
C LEU A 189 -23.85 -23.42 -27.02
N ASN A 190 -23.50 -24.45 -26.26
CA ASN A 190 -23.64 -25.84 -26.73
C ASN A 190 -24.98 -26.41 -26.26
N VAL A 191 -26.05 -25.75 -26.69
CA VAL A 191 -27.41 -26.11 -26.30
C VAL A 191 -28.29 -26.00 -27.54
N ALA A 192 -29.45 -26.66 -27.48
CA ALA A 192 -30.40 -26.59 -28.57
C ALA A 192 -30.88 -25.16 -28.78
N GLU A 193 -31.13 -24.80 -30.04
CA GLU A 193 -31.48 -23.43 -30.37
C GLU A 193 -32.88 -23.06 -29.87
N SER A 194 -33.79 -24.03 -29.83
CA SER A 194 -35.16 -23.77 -29.38
C SER A 194 -35.22 -23.40 -27.90
N LYS A 195 -34.24 -23.82 -27.11
CA LYS A 195 -34.19 -23.46 -25.70
C LYS A 195 -33.67 -22.06 -25.46
N ILE A 196 -33.24 -21.36 -26.51
CA ILE A 196 -32.68 -20.02 -26.42
C ILE A 196 -33.50 -19.09 -27.29
N ARG A 197 -33.95 -17.98 -26.72
CA ARG A 197 -34.61 -16.92 -27.47
C ARG A 197 -33.64 -15.75 -27.56
N ARG A 198 -33.31 -15.36 -28.79
CA ARG A 198 -32.25 -14.40 -29.06
C ARG A 198 -32.81 -13.06 -29.46
N ILE A 199 -32.16 -11.99 -29.01
CA ILE A 199 -32.52 -10.62 -29.39
C ILE A 199 -31.24 -9.79 -29.36
N SER A 200 -31.19 -8.76 -30.21
CA SER A 200 -30.04 -7.88 -30.33
C SER A 200 -30.42 -6.46 -29.95
N LEU A 201 -29.45 -5.55 -30.10
CA LEU A 201 -29.64 -4.14 -29.76
C LEU A 201 -30.10 -3.40 -31.01
N THR A 202 -31.38 -3.04 -31.05
CA THR A 202 -31.95 -2.35 -32.20
C THR A 202 -32.92 -1.27 -31.80
N MET B 1 -27.87 -6.32 3.57
CA MET B 1 -28.67 -7.26 4.35
C MET B 1 -27.79 -7.84 5.45
N MET B 2 -28.32 -7.84 6.68
CA MET B 2 -27.57 -8.17 7.89
C MET B 2 -26.37 -7.22 8.04
N PHE B 3 -26.73 -5.97 8.30
CA PHE B 3 -25.85 -4.82 8.52
C PHE B 3 -24.54 -5.22 9.19
N TRP B 4 -24.64 -6.03 10.23
CA TRP B 4 -23.45 -6.39 11.02
C TRP B 4 -22.53 -7.33 10.27
N ARG B 5 -23.04 -8.21 9.40
CA ARG B 5 -22.09 -9.02 8.64
C ARG B 5 -21.40 -8.20 7.56
N ILE B 6 -22.06 -7.19 6.99
CA ILE B 6 -21.30 -6.25 6.19
C ILE B 6 -20.20 -5.65 7.03
N PHE B 7 -20.55 -5.15 8.22
CA PHE B 7 -19.58 -4.57 9.13
C PHE B 7 -18.38 -5.50 9.33
N ARG B 8 -18.63 -6.79 9.54
CA ARG B 8 -17.55 -7.75 9.67
C ARG B 8 -16.74 -7.83 8.38
N LEU B 9 -17.41 -7.75 7.23
CA LEU B 9 -16.70 -7.82 5.95
C LEU B 9 -15.69 -6.70 5.81
N GLU B 10 -16.13 -5.44 5.98
CA GLU B 10 -15.13 -4.38 5.80
C GLU B 10 -14.16 -4.32 6.98
N LEU B 11 -14.50 -4.93 8.12
CA LEU B 11 -13.45 -5.15 9.12
C LEU B 11 -12.37 -6.08 8.57
N ARG B 12 -12.77 -7.16 7.91
CA ARG B 12 -11.80 -8.14 7.45
C ARG B 12 -10.98 -7.63 6.27
N VAL B 13 -11.57 -6.87 5.35
CA VAL B 13 -10.85 -6.52 4.14
C VAL B 13 -9.72 -5.56 4.44
N ALA B 14 -9.92 -4.63 5.37
CA ALA B 14 -8.94 -3.60 5.66
C ALA B 14 -7.73 -4.13 6.42
N PHE B 15 -7.94 -5.05 7.34
CA PHE B 15 -6.89 -5.52 8.23
C PHE B 15 -6.54 -6.97 7.92
N ARG B 16 -5.24 -7.28 7.93
CA ARG B 16 -4.76 -8.59 7.52
C ARG B 16 -4.18 -9.43 8.65
N HIS B 17 -3.56 -8.81 9.65
CA HIS B 17 -2.87 -9.56 10.70
C HIS B 17 -3.10 -8.87 12.04
N SER B 18 -2.81 -9.62 13.11
CA SER B 18 -2.90 -9.05 14.44
C SER B 18 -1.82 -8.01 14.70
N ALA B 19 -0.69 -8.11 14.00
CA ALA B 19 0.41 -7.17 14.20
C ALA B 19 0.16 -5.83 13.51
N GLU B 20 -0.53 -5.83 12.37
CA GLU B 20 -0.66 -4.64 11.55
C GLU B 20 -1.90 -3.81 11.87
N ILE B 21 -2.63 -4.15 12.94
CA ILE B 21 -3.78 -3.35 13.33
C ILE B 21 -3.37 -1.93 13.69
N ALA B 22 -2.26 -1.78 14.42
CA ALA B 22 -1.86 -0.51 15.00
C ALA B 22 -1.24 0.45 14.00
N ASN B 23 -1.34 0.19 12.70
CA ASN B 23 -0.74 1.09 11.71
C ASN B 23 -1.26 2.52 11.84
N PRO B 24 -2.58 2.78 11.93
CA PRO B 24 -3.02 4.15 12.19
C PRO B 24 -2.47 4.72 13.49
N LEU B 25 -2.27 3.89 14.50
CA LEU B 25 -1.67 4.37 15.73
C LEU B 25 -0.27 4.92 15.48
N TRP B 26 0.53 4.20 14.70
CA TRP B 26 1.88 4.67 14.42
C TRP B 26 1.85 5.93 13.57
N PHE B 27 0.91 6.02 12.62
CA PHE B 27 0.75 7.27 11.87
C PHE B 27 0.44 8.43 12.80
N PHE B 28 -0.52 8.24 13.70
CA PHE B 28 -0.84 9.31 14.63
C PHE B 28 0.38 9.70 15.45
N LEU B 29 1.13 8.71 15.93
CA LEU B 29 2.25 9.01 16.80
C LEU B 29 3.33 9.78 16.06
N ILE B 30 3.64 9.40 14.81
CA ILE B 30 4.67 10.11 14.07
C ILE B 30 4.20 11.53 13.73
N VAL B 31 2.92 11.68 13.35
CA VAL B 31 2.44 13.03 13.03
C VAL B 31 2.51 13.93 14.26
N ILE B 32 2.14 13.41 15.44
CA ILE B 32 2.23 14.22 16.65
C ILE B 32 3.68 14.56 16.96
N THR B 33 4.57 13.55 16.93
CA THR B 33 5.95 13.80 17.33
C THR B 33 6.70 14.67 16.33
N LEU B 34 6.16 14.86 15.12
CA LEU B 34 6.82 15.75 14.18
C LEU B 34 6.94 17.17 14.73
N PHE B 35 5.94 17.62 15.47
CA PHE B 35 5.85 19.01 15.93
C PHE B 35 6.88 19.36 17.02
N PRO B 36 7.00 18.59 18.10
CA PRO B 36 8.01 18.95 19.11
C PRO B 36 9.43 18.96 18.56
N LEU B 37 9.68 18.18 17.51
CA LEU B 37 10.97 18.29 16.83
C LEU B 37 11.17 19.67 16.22
N SER B 38 10.11 20.25 15.68
CA SER B 38 10.20 21.52 14.96
C SER B 38 9.76 22.71 15.79
N ILE B 39 8.60 22.62 16.44
CA ILE B 39 8.11 23.74 17.25
C ILE B 39 9.07 24.02 18.40
N GLY B 40 9.48 22.96 19.10
CA GLY B 40 10.34 23.10 20.25
C GLY B 40 9.95 22.13 21.35
N PRO B 41 10.82 21.99 22.35
CA PRO B 41 10.54 21.07 23.46
C PRO B 41 9.83 21.70 24.64
N GLU B 42 9.71 23.02 24.66
CA GLU B 42 9.12 23.70 25.81
C GLU B 42 7.67 23.24 26.00
N PRO B 43 7.26 22.91 27.22
CA PRO B 43 5.91 22.35 27.39
C PRO B 43 4.80 23.36 27.14
N GLN B 44 4.94 24.58 27.65
CA GLN B 44 3.87 25.56 27.53
C GLN B 44 3.54 25.84 26.07
N LEU B 45 4.56 25.96 25.22
CA LEU B 45 4.33 26.10 23.79
C LEU B 45 3.56 24.90 23.25
N LEU B 46 4.06 23.70 23.53
CA LEU B 46 3.37 22.49 23.07
C LEU B 46 2.04 22.30 23.77
N ALA B 47 1.86 22.88 24.96
CA ALA B 47 0.58 22.75 25.64
C ALA B 47 -0.51 23.53 24.94
N ARG B 48 -0.21 24.76 24.52
CA ARG B 48 -1.26 25.63 24.00
C ARG B 48 -1.62 25.30 22.55
N ILE B 49 -0.75 24.59 21.84
CA ILE B 49 -0.96 24.32 20.41
C ILE B 49 -1.52 22.92 20.22
N ALA B 50 -2.02 22.32 21.29
CA ALA B 50 -2.58 20.97 21.21
C ALA B 50 -3.73 20.82 20.21
N PRO B 51 -4.73 21.71 20.16
CA PRO B 51 -5.89 21.43 19.29
C PRO B 51 -5.53 21.32 17.82
N GLY B 52 -4.72 22.25 17.33
CA GLY B 52 -4.29 22.18 15.94
C GLY B 52 -3.58 20.88 15.65
N ILE B 53 -2.66 20.49 16.52
CA ILE B 53 -1.90 19.26 16.31
C ILE B 53 -2.85 18.06 16.22
N ILE B 54 -3.72 17.91 17.21
CA ILE B 54 -4.52 16.70 17.30
C ILE B 54 -5.55 16.64 16.18
N TRP B 55 -6.24 17.74 15.89
CA TRP B 55 -7.24 17.66 14.84
C TRP B 55 -6.66 17.70 13.44
N VAL B 56 -5.45 18.24 13.26
CA VAL B 56 -4.76 18.06 11.99
C VAL B 56 -4.42 16.60 11.80
N ALA B 57 -3.95 15.92 12.84
CA ALA B 57 -3.69 14.48 12.72
C ALA B 57 -4.96 13.72 12.38
N ALA B 58 -6.06 14.07 13.03
CA ALA B 58 -7.34 13.43 12.72
C ALA B 58 -7.76 13.69 11.27
N LEU B 59 -7.56 14.91 10.80
CA LEU B 59 -7.91 15.26 9.43
C LEU B 59 -7.09 14.46 8.43
N LEU B 60 -5.78 14.34 8.69
CA LEU B 60 -4.93 13.54 7.81
C LEU B 60 -5.39 12.08 7.80
N SER B 61 -5.68 11.51 8.96
CA SER B 61 -6.15 10.14 9.00
C SER B 61 -7.44 9.98 8.21
N SER B 62 -8.38 10.91 8.38
CA SER B 62 -9.65 10.82 7.69
C SER B 62 -9.47 10.88 6.18
N LEU B 63 -8.67 11.85 5.71
CA LEU B 63 -8.45 11.96 4.26
C LEU B 63 -7.73 10.73 3.71
N LEU B 64 -6.74 10.21 4.43
CA LEU B 64 -6.03 9.03 3.94
C LEU B 64 -6.95 7.82 3.89
N ALA B 65 -7.86 7.69 4.84
CA ALA B 65 -8.70 6.50 4.90
C ALA B 65 -9.97 6.61 4.06
N LEU B 66 -10.39 7.82 3.67
CA LEU B 66 -11.57 7.93 2.80
C LEU B 66 -11.28 7.53 1.37
N GLU B 67 -10.06 7.77 0.88
CA GLU B 67 -9.73 7.39 -0.49
C GLU B 67 -9.85 5.89 -0.69
N ARG B 68 -9.35 5.12 0.28
CA ARG B 68 -9.44 3.66 0.19
C ARG B 68 -10.87 3.17 0.36
N LEU B 69 -11.77 3.99 0.90
CA LEU B 69 -13.14 3.55 1.14
C LEU B 69 -13.90 3.34 -0.15
N PHE B 70 -13.58 4.08 -1.19
CA PHE B 70 -14.37 4.00 -2.41
C PHE B 70 -13.55 3.77 -3.67
N ARG B 71 -12.35 4.34 -3.76
CA ARG B 71 -11.60 4.28 -5.01
C ARG B 71 -11.26 2.85 -5.41
N ASP B 72 -10.87 2.03 -4.43
CA ASP B 72 -10.50 0.65 -4.74
C ASP B 72 -11.70 -0.15 -5.23
N ASP B 73 -12.88 0.12 -4.69
CA ASP B 73 -14.07 -0.64 -5.08
C ASP B 73 -14.43 -0.43 -6.53
N LEU B 74 -14.09 0.74 -7.09
CA LEU B 74 -14.43 1.03 -8.48
C LEU B 74 -13.88 -0.03 -9.42
N GLN B 75 -12.63 -0.44 -9.20
CA GLN B 75 -12.03 -1.47 -10.05
C GLN B 75 -12.73 -2.81 -9.88
N ASP B 76 -13.02 -3.20 -8.64
CA ASP B 76 -13.57 -4.53 -8.38
C ASP B 76 -14.93 -4.51 -7.73
N GLY B 77 -15.10 -3.81 -6.61
CA GLY B 77 -16.28 -4.00 -5.80
C GLY B 77 -17.18 -2.81 -5.59
N SER B 78 -17.18 -1.86 -6.55
CA SER B 78 -18.10 -0.74 -6.45
C SER B 78 -19.55 -1.19 -6.58
N LEU B 79 -19.81 -2.12 -7.48
CA LEU B 79 -21.14 -2.66 -7.67
C LEU B 79 -21.30 -3.91 -6.80
N GLU B 80 -22.36 -4.69 -7.06
CA GLU B 80 -22.77 -5.86 -6.28
C GLU B 80 -23.40 -5.41 -4.98
N GLN B 81 -23.34 -4.12 -4.69
CA GLN B 81 -24.07 -3.52 -3.58
C GLN B 81 -25.14 -2.54 -4.04
N LEU B 82 -24.83 -1.71 -5.03
CA LEU B 82 -25.87 -0.91 -5.67
C LEU B 82 -26.85 -1.80 -6.41
N MET B 83 -26.43 -3.03 -6.71
CA MET B 83 -27.15 -3.98 -7.54
C MET B 83 -27.80 -5.10 -6.76
N LEU B 84 -27.23 -5.45 -5.60
CA LEU B 84 -27.76 -6.47 -4.69
C LEU B 84 -28.12 -5.79 -3.38
N LEU B 85 -28.34 -6.63 -2.35
CA LEU B 85 -28.65 -6.14 -1.01
C LEU B 85 -29.95 -5.33 -1.03
N PRO B 86 -31.11 -5.99 -1.15
CA PRO B 86 -32.39 -5.27 -1.21
C PRO B 86 -32.59 -4.21 -0.13
N LEU B 87 -31.80 -4.31 0.95
CA LEU B 87 -31.84 -3.27 1.98
C LEU B 87 -31.38 -1.94 1.38
N PRO B 88 -31.88 -0.83 1.92
CA PRO B 88 -31.57 0.47 1.31
C PRO B 88 -30.07 0.75 1.25
N LEU B 89 -29.66 1.38 0.15
CA LEU B 89 -28.29 1.85 -0.01
C LEU B 89 -27.83 2.74 1.14
N PRO B 90 -28.65 3.62 1.72
CA PRO B 90 -28.20 4.35 2.91
C PRO B 90 -27.70 3.44 4.01
N ALA B 91 -28.33 2.28 4.22
CA ALA B 91 -27.89 1.38 5.28
C ALA B 91 -26.47 0.89 5.02
N VAL B 92 -26.19 0.42 3.81
CA VAL B 92 -24.87 -0.15 3.53
C VAL B 92 -23.81 0.94 3.52
N VAL B 93 -24.13 2.12 2.99
CA VAL B 93 -23.13 3.18 3.01
C VAL B 93 -22.88 3.67 4.43
N LEU B 94 -23.93 3.67 5.27
CA LEU B 94 -23.75 3.99 6.68
C LEU B 94 -22.84 2.97 7.36
N ALA B 95 -23.02 1.68 7.03
CA ALA B 95 -22.12 0.66 7.54
C ALA B 95 -20.68 0.96 7.14
N LYS B 96 -20.47 1.28 5.86
CA LYS B 96 -19.13 1.58 5.37
C LYS B 96 -18.53 2.76 6.14
N VAL B 97 -19.30 3.83 6.31
CA VAL B 97 -18.77 5.03 6.96
C VAL B 97 -18.48 4.79 8.43
N MET B 98 -19.38 4.09 9.12
CA MET B 98 -19.17 3.87 10.55
C MET B 98 -18.00 2.93 10.79
N ALA B 99 -17.81 1.92 9.93
CA ALA B 99 -16.63 1.09 10.07
C ALA B 99 -15.37 1.87 9.72
N HIS B 100 -15.46 2.77 8.73
CA HIS B 100 -14.34 3.67 8.44
C HIS B 100 -13.95 4.47 9.67
N TRP B 101 -14.94 4.94 10.43
CA TRP B 101 -14.64 5.55 11.72
C TRP B 101 -13.99 4.56 12.67
N MET B 102 -14.61 3.39 12.85
CA MET B 102 -14.16 2.47 13.88
C MET B 102 -12.78 1.89 13.60
N VAL B 103 -12.28 1.99 12.37
CA VAL B 103 -10.90 1.62 12.08
C VAL B 103 -9.96 2.81 12.18
N THR B 104 -10.50 4.02 12.27
CA THR B 104 -9.70 5.23 12.41
C THR B 104 -9.98 5.98 13.71
N GLY B 105 -11.26 6.24 14.00
CA GLY B 105 -11.58 6.94 15.24
C GLY B 105 -11.21 6.14 16.48
N LEU B 106 -11.58 4.86 16.50
CA LEU B 106 -11.27 4.04 17.67
C LEU B 106 -9.80 3.96 17.98
N PRO B 107 -8.89 3.72 17.02
CA PRO B 107 -7.46 3.82 17.35
C PRO B 107 -7.08 5.19 17.89
N LEU B 108 -7.64 6.26 17.32
CA LEU B 108 -7.30 7.60 17.78
C LEU B 108 -7.79 7.84 19.21
N LEU B 109 -9.02 7.44 19.50
CA LEU B 109 -9.55 7.60 20.86
C LEU B 109 -8.77 6.75 21.86
N ILE B 110 -8.48 5.50 21.52
CA ILE B 110 -7.79 4.64 22.46
C ILE B 110 -6.34 5.10 22.64
N LEU B 111 -5.80 5.82 21.67
CA LEU B 111 -4.46 6.37 21.79
C LEU B 111 -4.46 7.72 22.51
N SER B 112 -5.62 8.32 22.72
CA SER B 112 -5.67 9.64 23.34
C SER B 112 -5.00 9.73 24.70
N PRO B 113 -5.12 8.75 25.62
CA PRO B 113 -4.39 8.89 26.90
C PRO B 113 -2.90 9.09 26.72
N LEU B 114 -2.30 8.38 25.76
CA LEU B 114 -0.86 8.52 25.54
C LEU B 114 -0.51 9.90 25.01
N VAL B 115 -1.21 10.35 23.96
CA VAL B 115 -0.85 11.60 23.31
C VAL B 115 -1.04 12.80 24.24
N ALA B 116 -2.01 12.73 25.15
CA ALA B 116 -2.20 13.84 26.08
C ALA B 116 -1.02 14.00 27.04
N MET B 117 -0.37 12.90 27.42
CA MET B 117 0.86 12.98 28.19
C MET B 117 2.05 13.48 27.38
N LEU B 118 2.09 13.19 26.08
CA LEU B 118 3.16 13.72 25.25
C LEU B 118 3.09 15.23 25.16
N LEU B 119 1.88 15.79 25.07
CA LEU B 119 1.70 17.23 24.93
C LEU B 119 1.50 17.94 26.26
N GLY B 120 1.56 17.22 27.38
CA GLY B 120 1.40 17.81 28.68
C GLY B 120 -0.02 18.13 29.08
N MET B 121 -1.01 17.56 28.40
CA MET B 121 -2.40 17.82 28.73
C MET B 121 -2.75 17.29 30.11
N ASP B 122 -3.65 17.97 30.79
CA ASP B 122 -4.11 17.55 32.09
C ASP B 122 -5.34 16.65 31.96
N VAL B 123 -5.82 16.15 33.10
CA VAL B 123 -6.95 15.21 33.08
C VAL B 123 -8.19 15.86 32.51
N TYR B 124 -8.47 17.11 32.91
CA TYR B 124 -9.60 17.83 32.33
C TYR B 124 -9.41 18.03 30.84
N GLY B 125 -8.21 18.42 30.43
CA GLY B 125 -7.93 18.58 29.01
C GLY B 125 -8.06 17.28 28.26
N TRP B 126 -7.54 16.19 28.83
CA TRP B 126 -7.70 14.88 28.19
C TRP B 126 -9.17 14.50 28.10
N GLN B 127 -9.94 14.74 29.16
CA GLN B 127 -11.35 14.37 29.15
C GLN B 127 -12.10 15.12 28.05
N VAL B 128 -11.91 16.44 27.97
CA VAL B 128 -12.62 17.20 26.96
C VAL B 128 -12.14 16.81 25.56
N MET B 129 -10.83 16.59 25.40
CA MET B 129 -10.31 16.21 24.10
C MET B 129 -10.89 14.89 23.65
N ALA B 130 -10.99 13.91 24.56
CA ALA B 130 -11.56 12.62 24.21
C ALA B 130 -13.03 12.75 23.86
N LEU B 131 -13.80 13.46 24.70
CA LEU B 131 -15.24 13.52 24.46
C LEU B 131 -15.57 14.27 23.17
N THR B 132 -14.87 15.37 22.89
CA THR B 132 -15.06 16.05 21.62
C THR B 132 -14.58 15.20 20.46
N LEU B 133 -13.45 14.51 20.64
CA LEU B 133 -12.88 13.72 19.55
C LEU B 133 -13.82 12.60 19.14
N LEU B 134 -14.38 11.88 20.11
CA LEU B 134 -15.35 10.83 19.80
C LEU B 134 -16.65 11.42 19.28
N LEU B 135 -16.91 12.70 19.51
CA LEU B 135 -18.13 13.34 19.06
C LEU B 135 -18.01 13.98 17.69
N GLY B 136 -16.79 14.26 17.23
CA GLY B 136 -16.60 14.92 15.95
C GLY B 136 -15.97 14.06 14.88
N THR B 137 -15.08 13.16 15.28
CA THR B 137 -14.43 12.28 14.31
C THR B 137 -15.43 11.43 13.50
N PRO B 138 -16.48 10.84 14.09
CA PRO B 138 -17.43 10.09 13.26
C PRO B 138 -18.05 10.95 12.17
N THR B 139 -18.24 12.24 12.41
CA THR B 139 -18.80 13.11 11.38
C THR B 139 -17.86 13.24 10.19
N LEU B 140 -16.55 13.19 10.43
CA LEU B 140 -15.59 13.36 9.35
C LEU B 140 -15.82 12.36 8.23
N GLY B 141 -16.24 11.13 8.56
CA GLY B 141 -16.65 10.20 7.52
C GLY B 141 -18.01 10.49 6.93
N PHE B 142 -18.86 11.22 7.65
CA PHE B 142 -20.21 11.50 7.16
C PHE B 142 -20.19 12.46 5.98
N LEU B 143 -19.64 13.67 6.18
CA LEU B 143 -19.64 14.64 5.10
C LEU B 143 -18.61 14.29 4.03
N GLY B 144 -17.55 13.56 4.40
CA GLY B 144 -16.54 13.18 3.45
C GLY B 144 -16.95 12.08 2.50
N ALA B 145 -17.94 11.28 2.87
CA ALA B 145 -18.36 10.17 2.01
C ALA B 145 -18.91 10.63 0.67
N PRO B 146 -19.85 11.58 0.58
CA PRO B 146 -20.29 12.01 -0.76
C PRO B 146 -19.17 12.63 -1.58
N GLY B 147 -18.28 13.40 -0.94
CA GLY B 147 -17.25 14.09 -1.70
C GLY B 147 -16.24 13.13 -2.32
N VAL B 148 -15.78 12.15 -1.54
CA VAL B 148 -14.74 11.26 -2.03
C VAL B 148 -15.26 10.39 -3.18
N ALA B 149 -16.54 9.99 -3.11
CA ALA B 149 -17.09 9.12 -4.15
C ALA B 149 -17.05 9.80 -5.51
N LEU B 150 -17.41 11.08 -5.57
CA LEU B 150 -17.37 11.79 -6.84
C LEU B 150 -15.93 11.97 -7.33
N THR B 151 -15.01 12.31 -6.44
CA THR B 151 -13.65 12.59 -6.87
C THR B 151 -12.93 11.32 -7.29
N VAL B 152 -13.40 10.14 -6.82
CA VAL B 152 -12.76 8.90 -7.23
C VAL B 152 -13.57 8.12 -8.25
N GLY B 153 -14.78 8.56 -8.60
CA GLY B 153 -15.62 7.82 -9.53
C GLY B 153 -16.34 8.67 -10.57
N LEU B 154 -15.99 9.95 -10.71
CA LEU B 154 -16.52 10.80 -11.77
C LEU B 154 -15.37 11.25 -12.65
N LYS B 155 -15.45 10.90 -13.93
CA LYS B 155 -14.42 11.30 -14.89
C LYS B 155 -14.69 12.71 -15.41
N ARG B 156 -13.66 13.30 -16.00
CA ARG B 156 -13.70 14.69 -16.47
C ARG B 156 -14.06 15.64 -15.32
N GLY B 157 -13.57 15.33 -14.12
CA GLY B 157 -13.84 16.17 -12.96
C GLY B 157 -12.88 17.33 -12.92
N GLY B 158 -13.42 18.54 -12.73
CA GLY B 158 -12.62 19.74 -12.64
C GLY B 158 -12.04 19.94 -11.26
N VAL B 159 -11.35 21.08 -11.10
CA VAL B 159 -10.72 21.39 -9.83
C VAL B 159 -11.78 21.67 -8.76
N LEU B 160 -12.94 22.19 -9.15
CA LEU B 160 -13.98 22.55 -8.18
C LEU B 160 -14.57 21.32 -7.49
N LEU B 161 -14.32 20.12 -7.99
CA LEU B 161 -14.90 18.93 -7.38
C LEU B 161 -14.36 18.68 -5.97
N SER B 162 -13.07 18.93 -5.74
CA SER B 162 -12.48 18.70 -4.43
C SER B 162 -12.95 19.68 -3.38
N ILE B 163 -13.63 20.76 -3.78
CA ILE B 163 -14.14 21.73 -2.81
C ILE B 163 -15.30 21.18 -1.99
N LEU B 164 -15.86 20.04 -2.38
CA LEU B 164 -16.89 19.37 -1.60
C LEU B 164 -16.32 18.37 -0.61
N VAL B 165 -14.99 18.30 -0.48
CA VAL B 165 -14.36 17.30 0.37
C VAL B 165 -13.62 17.97 1.52
N LEU B 166 -12.57 18.73 1.20
CA LEU B 166 -11.68 19.26 2.21
C LEU B 166 -12.25 20.46 2.96
N PRO B 167 -12.66 21.53 2.27
CA PRO B 167 -13.09 22.73 3.02
C PRO B 167 -14.43 22.59 3.70
N LEU B 168 -15.22 21.55 3.38
CA LEU B 168 -16.48 21.36 4.08
C LEU B 168 -16.26 20.94 5.52
N THR B 169 -15.08 20.43 5.86
CA THR B 169 -14.74 19.99 7.20
C THR B 169 -14.21 21.11 8.08
N ILE B 170 -14.05 22.32 7.53
CA ILE B 170 -13.53 23.43 8.32
C ILE B 170 -14.40 23.77 9.52
N PRO B 171 -15.74 23.87 9.39
CA PRO B 171 -16.53 24.23 10.59
C PRO B 171 -16.34 23.25 11.74
N LEU B 172 -16.27 21.95 11.44
CA LEU B 172 -16.09 20.97 12.51
C LEU B 172 -14.81 21.25 13.28
N LEU B 173 -13.70 21.44 12.56
CA LEU B 173 -12.43 21.61 13.24
C LEU B 173 -12.36 22.96 13.96
N ILE B 174 -12.97 24.01 13.41
CA ILE B 174 -12.92 25.29 14.10
C ILE B 174 -13.72 25.24 15.39
N PHE B 175 -14.91 24.62 15.36
CA PHE B 175 -15.65 24.47 16.62
C PHE B 175 -14.88 23.62 17.61
N ALA B 176 -14.25 22.53 17.13
CA ALA B 176 -13.49 21.68 18.03
C ALA B 176 -12.35 22.43 18.70
N THR B 177 -11.58 23.17 17.90
CA THR B 177 -10.46 23.93 18.45
C THR B 177 -10.95 24.98 19.44
N ALA B 178 -11.98 25.74 19.07
CA ALA B 178 -12.48 26.77 19.98
C ALA B 178 -12.98 26.16 21.28
N ALA B 179 -13.73 25.06 21.19
CA ALA B 179 -14.29 24.44 22.38
C ALA B 179 -13.22 23.92 23.30
N MET B 180 -12.23 23.21 22.76
CA MET B 180 -11.25 22.62 23.67
C MET B 180 -10.20 23.64 24.10
N ASP B 181 -10.08 24.76 23.39
CA ASP B 181 -9.36 25.91 23.93
C ASP B 181 -10.09 26.49 25.14
N ALA B 182 -11.41 26.66 25.02
CA ALA B 182 -12.19 27.16 26.15
C ALA B 182 -12.08 26.23 27.34
N ALA B 183 -12.13 24.92 27.09
CA ALA B 183 -11.94 23.95 28.16
C ALA B 183 -10.52 24.00 28.72
N SER B 184 -9.53 24.21 27.86
CA SER B 184 -8.15 24.32 28.32
C SER B 184 -7.98 25.52 29.25
N MET B 185 -8.74 26.58 29.01
CA MET B 185 -8.75 27.74 29.89
C MET B 185 -9.57 27.51 31.15
N HIS B 186 -10.03 26.27 31.37
CA HIS B 186 -10.82 25.89 32.54
C HIS B 186 -12.14 26.66 32.58
N LEU B 187 -12.93 26.48 31.52
CA LEU B 187 -14.28 27.00 31.43
C LEU B 187 -15.23 25.89 31.02
N PRO B 188 -16.50 25.97 31.44
CA PRO B 188 -17.50 25.02 30.95
C PRO B 188 -17.67 25.14 29.45
N VAL B 189 -17.86 24.01 28.78
CA VAL B 189 -17.97 23.96 27.33
C VAL B 189 -19.21 23.17 26.90
N ASP B 190 -20.12 22.90 27.83
CA ASP B 190 -21.25 22.02 27.53
C ASP B 190 -22.06 22.52 26.35
N GLY B 191 -22.23 23.84 26.24
CA GLY B 191 -22.94 24.38 25.10
C GLY B 191 -22.26 24.08 23.78
N TYR B 192 -20.93 24.20 23.74
CA TYR B 192 -20.19 23.84 22.53
C TYR B 192 -20.33 22.36 22.22
N LEU B 193 -20.28 21.51 23.25
CA LEU B 193 -20.46 20.07 23.02
C LEU B 193 -21.86 19.78 22.51
N ALA B 194 -22.86 20.54 22.97
CA ALA B 194 -24.21 20.38 22.43
C ALA B 194 -24.25 20.70 20.95
N ILE B 195 -23.52 21.74 20.52
CA ILE B 195 -23.42 22.04 19.11
C ILE B 195 -22.78 20.88 18.36
N LEU B 196 -21.70 20.33 18.91
CA LEU B 196 -21.13 19.10 18.35
C LEU B 196 -22.12 17.95 18.46
N GLY B 197 -22.83 17.85 19.58
CA GLY B 197 -23.85 16.83 19.72
C GLY B 197 -25.00 17.01 18.75
N ALA B 198 -25.36 18.27 18.47
CA ALA B 198 -26.44 18.54 17.52
C ALA B 198 -26.04 18.17 16.10
N LEU B 199 -24.81 18.50 15.70
CA LEU B 199 -24.39 18.23 14.33
C LEU B 199 -24.21 16.73 14.10
N LEU B 200 -23.77 16.00 15.12
CA LEU B 200 -23.58 14.56 14.96
C LEU B 200 -24.91 13.83 14.76
N ALA B 201 -25.92 14.18 15.57
CA ALA B 201 -27.22 13.54 15.44
C ALA B 201 -27.90 13.92 14.14
N GLY B 202 -27.59 15.11 13.60
CA GLY B 202 -28.23 15.57 12.39
C GLY B 202 -27.55 15.12 11.11
N THR B 203 -26.22 15.24 11.06
CA THR B 203 -25.49 14.84 9.85
C THR B 203 -25.61 13.35 9.59
N ALA B 204 -25.60 12.54 10.67
CA ALA B 204 -25.70 11.10 10.51
C ALA B 204 -27.01 10.68 9.85
N THR B 205 -28.06 11.48 10.00
CA THR B 205 -29.35 11.14 9.41
C THR B 205 -29.36 11.37 7.90
N LEU B 206 -28.78 12.48 7.43
CA LEU B 206 -28.87 12.84 6.02
C LEU B 206 -27.67 12.39 5.20
N SER B 207 -26.52 12.12 5.83
CA SER B 207 -25.33 11.72 5.08
C SER B 207 -25.54 10.48 4.23
N PRO B 208 -26.10 9.37 4.74
CA PRO B 208 -26.24 8.18 3.89
C PRO B 208 -27.12 8.41 2.67
N PHE B 209 -28.17 9.22 2.78
CA PHE B 209 -29.08 9.40 1.66
C PHE B 209 -28.40 10.10 0.50
N ALA B 210 -27.74 11.22 0.78
CA ALA B 210 -27.04 11.97 -0.26
C ALA B 210 -25.89 11.16 -0.84
N THR B 211 -25.18 10.41 0.01
CA THR B 211 -24.08 9.60 -0.48
C THR B 211 -24.58 8.50 -1.40
N ALA B 212 -25.69 7.86 -1.05
CA ALA B 212 -26.25 6.82 -1.90
C ALA B 212 -26.69 7.40 -3.24
N ALA B 213 -27.35 8.55 -3.21
CA ALA B 213 -27.73 9.20 -4.48
C ALA B 213 -26.50 9.56 -5.29
N ALA B 214 -25.43 10.02 -4.62
CA ALA B 214 -24.21 10.39 -5.30
C ALA B 214 -23.57 9.19 -5.98
N LEU B 215 -23.52 8.05 -5.30
CA LEU B 215 -22.99 6.84 -5.94
C LEU B 215 -23.87 6.42 -7.11
N ARG B 216 -25.20 6.49 -6.94
CA ARG B 216 -26.10 6.15 -8.03
C ARG B 216 -25.81 7.00 -9.26
N ILE B 217 -25.62 8.31 -9.08
CA ILE B 217 -25.34 9.19 -10.21
C ILE B 217 -23.95 8.93 -10.77
N SER B 218 -22.96 8.70 -9.89
CA SER B 218 -21.57 8.61 -10.32
C SER B 218 -21.29 7.33 -11.10
N ILE B 219 -21.94 6.22 -10.73
CA ILE B 219 -21.72 4.98 -11.47
C ILE B 219 -22.20 5.10 -12.91
N GLN B 220 -23.16 5.98 -13.16
CA GLN B 220 -23.69 6.17 -14.50
C GLN B 220 -22.87 7.21 -15.28
N GLN C 7 32.59 -22.86 5.50
CA GLN C 7 31.88 -23.87 4.72
C GLN C 7 30.40 -23.87 5.05
N LEU C 8 29.73 -22.78 4.69
CA LEU C 8 28.31 -22.61 4.97
C LEU C 8 27.51 -23.61 4.16
N ALA C 9 26.39 -24.07 4.73
CA ALA C 9 25.47 -24.93 4.02
C ALA C 9 24.13 -24.24 3.76
N ILE C 10 23.63 -23.52 4.76
CA ILE C 10 22.37 -22.75 4.74
C ILE C 10 21.21 -23.49 4.08
N PRO C 11 20.97 -24.77 4.37
CA PRO C 11 19.80 -25.45 3.83
C PRO C 11 18.64 -25.34 4.80
N PRO C 12 17.49 -25.96 4.50
CA PRO C 12 16.44 -26.10 5.52
C PRO C 12 16.91 -26.91 6.72
N ARG C 13 18.06 -27.60 6.59
CA ARG C 13 18.64 -28.29 7.72
C ARG C 13 18.99 -27.34 8.86
N LEU C 14 19.10 -26.04 8.57
CA LEU C 14 19.31 -25.07 9.65
C LEU C 14 18.17 -25.07 10.64
N TYR C 15 16.99 -25.56 10.26
CA TYR C 15 15.93 -25.78 11.22
C TYR C 15 16.42 -26.70 12.34
N GLN C 16 17.09 -27.79 11.97
CA GLN C 16 17.68 -28.68 12.97
C GLN C 16 18.75 -27.95 13.77
N ILE C 17 19.51 -27.06 13.12
CA ILE C 17 20.55 -26.32 13.83
C ILE C 17 19.93 -25.45 14.92
N CYS C 18 18.83 -24.77 14.60
CA CYS C 18 18.11 -24.02 15.61
C CYS C 18 17.58 -24.93 16.70
N GLY C 19 17.07 -26.10 16.31
CA GLY C 19 16.61 -27.06 17.30
C GLY C 19 17.70 -27.55 18.24
N TRP C 20 18.96 -27.50 17.78
CA TRP C 20 20.07 -27.98 18.58
C TRP C 20 20.62 -26.93 19.54
N PHE C 21 20.11 -25.70 19.50
CA PHE C 21 20.63 -24.65 20.36
C PHE C 21 19.65 -24.18 21.42
N ILE C 22 18.34 -24.33 21.20
CA ILE C 22 17.36 -23.66 22.05
C ILE C 22 17.48 -24.05 23.52
N PRO C 23 17.55 -25.35 23.90
CA PRO C 23 17.61 -25.67 25.33
C PRO C 23 18.80 -25.03 26.05
N TRP C 24 20.01 -25.32 25.56
CA TRP C 24 21.22 -24.86 26.23
C TRP C 24 21.24 -23.35 26.35
N LEU C 25 21.06 -22.66 25.23
CA LEU C 25 21.22 -21.22 25.22
C LEU C 25 20.09 -20.55 26.00
N ALA C 26 18.88 -21.10 25.92
CA ALA C 26 17.77 -20.53 26.69
C ALA C 26 17.99 -20.69 28.19
N ILE C 27 18.44 -21.86 28.64
CA ILE C 27 18.63 -22.04 30.08
C ILE C 27 19.79 -21.18 30.56
N ALA C 28 20.85 -21.05 29.75
CA ALA C 28 21.92 -20.14 30.12
C ALA C 28 21.41 -18.71 30.24
N SER C 29 20.54 -18.30 29.32
CA SER C 29 19.98 -16.95 29.37
C SER C 29 19.16 -16.74 30.64
N VAL C 30 18.32 -17.71 30.99
CA VAL C 30 17.49 -17.53 32.17
C VAL C 30 18.35 -17.49 33.43
N VAL C 31 19.41 -18.32 33.47
CA VAL C 31 20.29 -18.31 34.65
C VAL C 31 21.00 -16.98 34.77
N VAL C 32 21.56 -16.47 33.68
CA VAL C 32 22.31 -15.21 33.78
C VAL C 32 21.37 -14.05 34.09
N LEU C 33 20.17 -14.05 33.52
CA LEU C 33 19.22 -12.99 33.83
C LEU C 33 18.81 -13.02 35.30
N THR C 34 18.52 -14.20 35.83
CA THR C 34 18.09 -14.24 37.23
C THR C 34 19.23 -13.90 38.17
N VAL C 35 20.47 -14.29 37.84
CA VAL C 35 21.58 -13.94 38.71
C VAL C 35 21.85 -12.44 38.65
N GLY C 36 21.69 -11.83 37.47
CA GLY C 36 21.85 -10.39 37.37
C GLY C 36 20.77 -9.63 38.11
N TRP C 37 19.54 -10.12 38.05
CA TRP C 37 18.41 -9.41 38.64
C TRP C 37 18.20 -9.71 40.10
N ILE C 38 18.88 -10.71 40.66
CA ILE C 38 18.92 -10.91 42.10
C ILE C 38 20.17 -10.29 42.71
N TRP C 39 21.33 -10.44 42.04
CA TRP C 39 22.51 -9.71 42.46
C TRP C 39 22.33 -8.21 42.27
N GLY C 40 21.61 -7.82 41.23
CA GLY C 40 21.01 -6.49 41.18
C GLY C 40 19.63 -6.52 41.79
N PHE C 41 18.99 -5.35 41.82
CA PHE C 41 17.62 -5.22 42.28
C PHE C 41 17.43 -5.82 43.68
N GLY C 42 18.39 -5.56 44.56
CA GLY C 42 18.29 -6.08 45.91
C GLY C 42 19.60 -6.44 46.60
N PHE C 43 20.66 -6.64 45.84
CA PHE C 43 21.97 -6.87 46.45
C PHE C 43 22.97 -5.75 46.18
N ALA C 44 22.60 -4.74 45.40
CA ALA C 44 23.58 -3.70 45.21
C ALA C 44 23.07 -2.37 45.76
N PRO C 45 23.96 -1.52 46.27
CA PRO C 45 23.52 -0.21 46.76
C PRO C 45 23.07 0.72 45.64
N ALA C 46 22.68 1.94 46.00
CA ALA C 46 22.23 2.93 45.04
C ALA C 46 23.03 4.21 45.21
N ASP C 47 22.72 5.19 44.35
CA ASP C 47 23.43 6.46 44.40
C ASP C 47 22.92 7.32 45.54
N TYR C 48 23.68 8.37 45.85
CA TYR C 48 23.29 9.28 46.92
C TYR C 48 22.08 10.12 46.53
N GLN C 49 22.02 10.57 45.28
CA GLN C 49 21.01 11.55 44.87
C GLN C 49 19.67 10.89 44.59
N GLN C 50 19.63 10.00 43.60
CA GLN C 50 18.37 9.41 43.17
C GLN C 50 17.78 8.46 44.20
N GLY C 51 18.56 8.01 45.18
CA GLY C 51 18.03 7.06 46.13
C GLY C 51 17.88 5.67 45.53
N ASN C 52 16.99 4.87 46.13
CA ASN C 52 16.84 3.49 45.72
C ASN C 52 16.27 3.36 44.31
N SER C 53 15.70 4.43 43.76
CA SER C 53 15.13 4.37 42.42
C SER C 53 16.19 4.18 41.34
N TYR C 54 17.46 4.32 41.67
CA TYR C 54 18.53 4.18 40.70
C TYR C 54 18.60 2.77 40.13
N ARG C 55 18.00 1.78 40.79
CA ARG C 55 18.06 0.38 40.37
C ARG C 55 17.46 0.14 39.00
N ILE C 56 16.82 1.13 38.40
CA ILE C 56 16.28 0.96 37.05
C ILE C 56 17.39 0.71 36.03
N ILE C 57 18.63 1.10 36.37
CA ILE C 57 19.72 1.03 35.41
C ILE C 57 19.87 -0.39 34.87
N TYR C 58 19.85 -1.39 35.77
CA TYR C 58 20.02 -2.78 35.35
C TYR C 58 18.90 -3.23 34.41
N LEU C 59 17.73 -2.63 34.53
CA LEU C 59 16.57 -3.01 33.73
C LEU C 59 16.34 -2.09 32.54
N HIS C 60 16.90 -0.89 32.56
CA HIS C 60 16.67 0.09 31.50
C HIS C 60 17.82 0.17 30.51
N VAL C 61 19.06 0.26 30.97
CA VAL C 61 20.18 0.44 30.05
C VAL C 61 20.35 -0.73 29.09
N PRO C 62 20.32 -2.00 29.54
CA PRO C 62 20.54 -3.10 28.57
C PRO C 62 19.54 -3.12 27.43
N ALA C 63 18.28 -2.79 27.69
CA ALA C 63 17.31 -2.75 26.60
C ALA C 63 17.72 -1.74 25.54
N ALA C 64 18.10 -0.54 25.97
CA ALA C 64 18.53 0.49 25.03
C ALA C 64 19.78 0.06 24.28
N ILE C 65 20.74 -0.55 24.98
CA ILE C 65 21.99 -0.94 24.32
C ILE C 65 21.72 -2.00 23.27
N TRP C 66 20.92 -3.01 23.61
CA TRP C 66 20.69 -4.06 22.64
C TRP C 66 19.71 -3.67 21.54
N SER C 67 18.92 -2.62 21.73
CA SER C 67 18.18 -2.08 20.59
C SER C 67 19.14 -1.69 19.47
N MET C 68 20.14 -0.87 19.79
CA MET C 68 21.14 -0.50 18.79
C MET C 68 21.94 -1.72 18.34
N GLY C 69 22.26 -2.62 19.27
CA GLY C 69 23.03 -3.79 18.88
C GLY C 69 22.34 -4.63 17.83
N ILE C 70 21.04 -4.90 18.02
CA ILE C 70 20.36 -5.71 17.03
C ILE C 70 19.92 -4.90 15.82
N TYR C 71 19.89 -3.57 15.91
CA TYR C 71 19.80 -2.80 14.67
C TYR C 71 21.07 -2.95 13.83
N ALA C 72 22.23 -2.97 14.48
CA ALA C 72 23.46 -3.28 13.75
C ALA C 72 23.41 -4.68 13.18
N SER C 73 22.81 -5.62 13.92
CA SER C 73 22.61 -6.96 13.40
C SER C 73 21.71 -6.94 12.16
N MET C 74 20.63 -6.14 12.20
CA MET C 74 19.83 -5.90 11.01
C MET C 74 20.71 -5.46 9.85
N ALA C 75 21.55 -4.46 10.10
CA ALA C 75 22.37 -3.90 9.03
C ALA C 75 23.25 -4.97 8.41
N VAL C 76 23.96 -5.73 9.24
CA VAL C 76 24.89 -6.71 8.70
C VAL C 76 24.14 -7.84 7.99
N ALA C 77 23.01 -8.28 8.55
CA ALA C 77 22.26 -9.37 7.94
C ALA C 77 21.71 -8.95 6.58
N ALA C 78 21.11 -7.77 6.50
CA ALA C 78 20.56 -7.31 5.23
C ALA C 78 21.67 -7.03 4.22
N PHE C 79 22.81 -6.50 4.68
CA PHE C 79 23.94 -6.27 3.78
C PHE C 79 24.43 -7.59 3.18
N ILE C 80 24.50 -8.64 4.01
CA ILE C 80 24.85 -9.95 3.48
C ILE C 80 23.80 -10.42 2.49
N GLY C 81 22.52 -10.25 2.84
CA GLY C 81 21.44 -10.80 2.04
C GLY C 81 21.25 -10.14 0.69
N LEU C 82 21.63 -8.88 0.56
CA LEU C 82 21.40 -8.18 -0.71
C LEU C 82 22.50 -8.49 -1.73
N VAL C 83 23.75 -8.18 -1.41
CA VAL C 83 24.80 -8.27 -2.42
C VAL C 83 25.11 -9.72 -2.76
N TRP C 84 25.16 -10.60 -1.76
CA TRP C 84 25.41 -12.01 -2.02
C TRP C 84 24.14 -12.78 -2.38
N GLN C 85 22.97 -12.15 -2.29
CA GLN C 85 21.70 -12.79 -2.62
C GLN C 85 21.46 -14.03 -1.77
N MET C 86 21.85 -13.95 -0.50
CA MET C 86 21.57 -15.00 0.47
C MET C 86 20.09 -14.93 0.87
N LYS C 87 19.37 -16.02 0.64
CA LYS C 87 17.93 -16.01 0.87
C LYS C 87 17.58 -15.92 2.35
N MET C 88 18.23 -16.76 3.17
CA MET C 88 17.93 -16.75 4.61
C MET C 88 18.43 -15.48 5.27
N ALA C 89 19.52 -14.90 4.78
CA ALA C 89 20.03 -13.68 5.38
C ALA C 89 18.99 -12.57 5.32
N ASN C 90 18.19 -12.53 4.26
CA ASN C 90 17.09 -11.58 4.19
C ASN C 90 15.96 -11.96 5.14
N LEU C 91 15.89 -13.23 5.54
CA LEU C 91 14.87 -13.66 6.49
C LEU C 91 15.18 -13.21 7.91
N ALA C 92 16.46 -12.97 8.22
CA ALA C 92 16.82 -12.57 9.58
C ALA C 92 16.18 -11.24 9.97
N VAL C 93 15.85 -10.40 8.98
CA VAL C 93 15.28 -9.09 9.27
C VAL C 93 13.95 -9.25 10.00
N ALA C 94 13.05 -10.06 9.45
CA ALA C 94 11.76 -10.25 10.09
C ALA C 94 11.87 -10.96 11.42
N ALA C 95 12.88 -11.81 11.58
CA ALA C 95 13.06 -12.51 12.85
C ALA C 95 13.40 -11.54 13.97
N MET C 96 14.25 -10.56 13.71
CA MET C 96 14.67 -9.63 14.74
C MET C 96 13.80 -8.39 14.81
N ALA C 97 12.91 -8.18 13.83
CA ALA C 97 12.11 -6.95 13.80
C ALA C 97 11.27 -6.75 15.06
N PRO C 98 10.36 -7.66 15.43
CA PRO C 98 9.55 -7.39 16.62
C PRO C 98 10.33 -7.52 17.91
N ILE C 99 11.43 -8.28 17.93
CA ILE C 99 12.29 -8.28 19.10
C ILE C 99 12.89 -6.90 19.30
N GLY C 100 13.33 -6.27 18.22
CA GLY C 100 13.80 -4.90 18.30
C GLY C 100 12.72 -3.95 18.76
N ALA C 101 11.51 -4.09 18.20
CA ALA C 101 10.41 -3.23 18.61
C ALA C 101 10.15 -3.35 20.10
N VAL C 102 10.19 -4.57 20.62
CA VAL C 102 9.92 -4.76 22.04
C VAL C 102 11.05 -4.20 22.90
N PHE C 103 12.30 -4.44 22.51
CA PHE C 103 13.41 -3.87 23.27
C PHE C 103 13.32 -2.36 23.33
N THR C 104 13.05 -1.71 22.19
CA THR C 104 13.03 -0.26 22.19
C THR C 104 11.80 0.27 22.92
N PHE C 105 10.67 -0.43 22.85
CA PHE C 105 9.51 -0.02 23.63
C PHE C 105 9.79 -0.11 25.13
N ILE C 106 10.46 -1.18 25.54
CA ILE C 106 10.82 -1.33 26.95
C ILE C 106 11.78 -0.23 27.37
N ALA C 107 12.78 0.06 26.54
CA ALA C 107 13.72 1.12 26.88
C ALA C 107 13.01 2.46 27.00
N LEU C 108 12.06 2.73 26.09
CA LEU C 108 11.29 3.96 26.15
C LEU C 108 10.52 4.05 27.45
N VAL C 109 9.79 2.98 27.81
CA VAL C 109 8.93 3.08 28.99
C VAL C 109 9.76 3.18 30.26
N THR C 110 10.90 2.49 30.31
CA THR C 110 11.77 2.60 31.47
C THR C 110 12.36 4.01 31.59
N GLY C 111 12.90 4.53 30.49
CA GLY C 111 13.47 5.87 30.53
C GLY C 111 12.45 6.91 30.97
N SER C 112 11.23 6.80 30.48
CA SER C 112 10.17 7.69 30.94
C SER C 112 9.88 7.47 32.42
N ALA C 113 9.82 6.21 32.85
CA ALA C 113 9.54 5.92 34.25
C ALA C 113 10.71 6.29 35.16
N TRP C 114 11.95 6.16 34.68
CA TRP C 114 13.10 6.51 35.51
C TRP C 114 13.19 8.02 35.69
N GLY C 115 12.77 8.79 34.70
CA GLY C 115 12.87 10.23 34.74
C GLY C 115 11.81 10.95 35.54
N LYS C 116 10.82 10.24 36.05
CA LYS C 116 9.77 10.88 36.83
C LYS C 116 10.29 11.59 38.08
N PRO C 117 11.13 10.98 38.93
CA PRO C 117 11.56 11.71 40.13
C PRO C 117 12.34 12.99 39.85
N MET C 118 13.12 13.02 38.78
CA MET C 118 14.00 14.17 38.56
C MET C 118 13.33 15.29 37.77
N TRP C 119 12.39 14.95 36.89
CA TRP C 119 11.68 16.00 36.16
C TRP C 119 10.29 16.27 36.72
N GLY C 120 9.70 15.30 37.40
CA GLY C 120 8.36 15.44 37.90
C GLY C 120 7.27 15.17 36.88
N THR C 121 7.63 14.87 35.64
CA THR C 121 6.68 14.57 34.58
C THR C 121 7.05 13.27 33.89
N TRP C 122 6.05 12.63 33.32
CA TRP C 122 6.23 11.34 32.66
C TRP C 122 6.89 11.45 31.29
N TRP C 123 6.98 12.66 30.72
CA TRP C 123 7.51 12.81 29.38
C TRP C 123 8.46 13.99 29.33
N VAL C 124 9.69 13.74 28.88
CA VAL C 124 10.68 14.79 28.68
C VAL C 124 11.32 14.58 27.32
N TRP C 125 11.26 15.61 26.46
CA TRP C 125 11.78 15.51 25.11
C TRP C 125 13.29 15.75 25.15
N ASP C 126 14.02 14.71 25.53
CA ASP C 126 15.47 14.74 25.51
C ASP C 126 16.02 13.91 24.36
N ALA C 127 17.32 14.05 24.13
CA ALA C 127 17.95 13.35 23.01
C ALA C 127 17.86 11.85 23.16
N ARG C 128 18.08 11.34 24.37
CA ARG C 128 18.05 9.88 24.58
C ARG C 128 16.69 9.31 24.22
N LEU C 129 15.62 9.88 24.79
CA LEU C 129 14.29 9.35 24.55
C LEU C 129 13.84 9.57 23.12
N THR C 130 14.08 10.78 22.58
CA THR C 130 13.62 11.07 21.23
C THR C 130 14.30 10.16 20.22
N SER C 131 15.60 9.91 20.40
CA SER C 131 16.30 8.99 19.50
C SER C 131 15.69 7.60 19.56
N GLU C 132 15.35 7.13 20.76
CA GLU C 132 14.71 5.83 20.88
C GLU C 132 13.38 5.81 20.15
N LEU C 133 12.65 6.92 20.16
CA LEU C 133 11.40 6.98 19.42
C LEU C 133 11.63 6.78 17.93
N VAL C 134 12.67 7.42 17.38
CA VAL C 134 12.93 7.29 15.95
C VAL C 134 13.41 5.88 15.63
N LEU C 135 14.21 5.27 16.51
CA LEU C 135 14.63 3.89 16.27
C LEU C 135 13.44 2.94 16.30
N LEU C 136 12.54 3.13 17.27
CA LEU C 136 11.29 2.37 17.30
C LEU C 136 10.49 2.58 16.03
N PHE C 137 10.51 3.80 15.50
CA PHE C 137 9.76 4.08 14.27
C PHE C 137 10.37 3.34 13.09
N LEU C 138 11.69 3.28 13.03
CA LEU C 138 12.36 2.49 11.99
C LEU C 138 11.97 1.02 12.10
N TYR C 139 12.00 0.48 13.32
CA TYR C 139 11.50 -0.87 13.54
C TYR C 139 10.09 -1.05 12.99
N VAL C 140 9.13 -0.31 13.55
CA VAL C 140 7.73 -0.55 13.21
C VAL C 140 7.52 -0.35 11.72
N GLY C 141 8.28 0.55 11.08
CA GLY C 141 8.25 0.62 9.63
C GLY C 141 8.70 -0.66 8.96
N VAL C 142 9.77 -1.26 9.48
CA VAL C 142 10.25 -2.52 8.91
C VAL C 142 9.20 -3.61 9.05
N ILE C 143 8.62 -3.74 10.26
CA ILE C 143 7.56 -4.74 10.45
C ILE C 143 6.40 -4.48 9.51
N ALA C 144 5.95 -3.23 9.42
CA ALA C 144 4.81 -2.92 8.56
C ALA C 144 5.10 -3.26 7.11
N LEU C 145 6.31 -2.94 6.65
CA LEU C 145 6.68 -3.28 5.27
C LEU C 145 6.68 -4.79 5.06
N TRP C 146 7.24 -5.54 6.01
CA TRP C 146 7.28 -6.99 5.84
C TRP C 146 5.88 -7.59 5.86
N HIS C 147 5.03 -7.14 6.77
CA HIS C 147 3.66 -7.65 6.81
C HIS C 147 2.81 -7.14 5.65
N ALA C 148 3.27 -6.13 4.92
CA ALA C 148 2.49 -5.62 3.80
C ALA C 148 2.49 -6.58 2.62
N PHE C 149 3.56 -7.35 2.43
CA PHE C 149 3.70 -8.22 1.27
C PHE C 149 2.98 -9.53 1.54
N ASP C 150 1.96 -9.82 0.71
CA ASP C 150 1.33 -11.14 0.77
C ASP C 150 2.30 -12.23 0.35
N ASP C 151 3.09 -11.98 -0.68
CA ASP C 151 4.04 -12.95 -1.20
C ASP C 151 5.34 -12.87 -0.40
N ARG C 152 5.76 -13.99 0.16
CA ARG C 152 7.04 -14.04 0.85
C ARG C 152 8.17 -13.95 -0.18
N ARG C 153 9.41 -14.00 0.33
CA ARG C 153 10.61 -13.96 -0.49
C ARG C 153 10.81 -12.57 -1.08
N LEU C 154 9.81 -11.71 -0.93
CA LEU C 154 9.93 -10.29 -1.23
C LEU C 154 10.09 -9.46 0.02
N ALA C 155 9.26 -9.71 1.02
CA ALA C 155 9.44 -9.10 2.35
C ALA C 155 10.70 -9.67 2.95
N GLY C 156 11.78 -8.89 2.92
CA GLY C 156 13.09 -9.37 3.29
C GLY C 156 14.13 -8.84 2.33
N ARG C 157 13.73 -8.67 1.06
CA ARG C 157 14.56 -7.94 0.11
C ARG C 157 14.25 -6.45 0.18
N ALA C 158 12.97 -6.10 0.00
CA ALA C 158 12.55 -4.73 0.24
C ALA C 158 12.78 -4.34 1.70
N ALA C 159 12.52 -5.27 2.63
CA ALA C 159 12.83 -5.01 4.02
C ALA C 159 14.32 -4.78 4.21
N GLY C 160 15.15 -5.55 3.51
CA GLY C 160 16.59 -5.33 3.61
C GLY C 160 17.00 -3.96 3.10
N ILE C 161 16.41 -3.53 1.99
CA ILE C 161 16.71 -2.20 1.47
C ILE C 161 16.28 -1.13 2.47
N LEU C 162 15.11 -1.32 3.09
CA LEU C 162 14.66 -0.37 4.10
C LEU C 162 15.61 -0.33 5.28
N VAL C 163 16.12 -1.49 5.70
CA VAL C 163 17.08 -1.53 6.79
C VAL C 163 18.36 -0.78 6.41
N LEU C 164 18.83 -0.97 5.19
CA LEU C 164 20.01 -0.23 4.75
C LEU C 164 19.77 1.27 4.77
N ILE C 165 18.61 1.70 4.27
CA ILE C 165 18.30 3.14 4.29
C ILE C 165 18.25 3.66 5.71
N GLY C 166 17.67 2.87 6.62
CA GLY C 166 17.62 3.29 8.01
C GLY C 166 19.01 3.43 8.62
N VAL C 167 19.87 2.43 8.40
CA VAL C 167 21.16 2.43 9.07
C VAL C 167 22.06 3.52 8.50
N VAL C 168 21.92 3.81 7.20
CA VAL C 168 22.70 4.91 6.64
C VAL C 168 22.28 6.24 7.28
N ASN C 169 20.98 6.44 7.45
CA ASN C 169 20.47 7.70 7.99
C ASN C 169 20.46 7.75 9.50
N LEU C 170 20.63 6.61 10.18
CA LEU C 170 20.49 6.60 11.64
C LEU C 170 21.52 7.47 12.35
N PRO C 171 22.83 7.36 12.08
CA PRO C 171 23.76 8.26 12.78
C PRO C 171 23.49 9.73 12.50
N ILE C 172 23.04 10.07 11.30
CA ILE C 172 22.72 11.46 10.99
C ILE C 172 21.58 11.94 11.87
N ILE C 173 20.52 11.15 11.97
CA ILE C 173 19.37 11.54 12.79
C ILE C 173 19.78 11.66 14.25
N HIS C 174 20.55 10.70 14.75
CA HIS C 174 20.93 10.71 16.16
C HIS C 174 21.81 11.91 16.48
N TYR C 175 22.80 12.19 15.64
CA TYR C 175 23.65 13.36 15.88
C TYR C 175 22.87 14.66 15.70
N SER C 176 21.87 14.68 14.82
CA SER C 176 21.05 15.87 14.67
C SER C 176 20.24 16.13 15.94
N VAL C 177 19.57 15.10 16.45
CA VAL C 177 18.74 15.29 17.65
C VAL C 177 19.61 15.61 18.86
N GLU C 178 20.81 15.02 18.92
CA GLU C 178 21.76 15.41 19.97
C GLU C 178 22.13 16.87 19.83
N TRP C 179 22.39 17.32 18.60
CA TRP C 179 22.65 18.72 18.35
C TRP C 179 21.40 19.57 18.56
N TRP C 180 20.23 19.03 18.27
CA TRP C 180 19.00 19.78 18.49
C TRP C 180 18.79 20.07 19.96
N ASN C 181 19.10 19.11 20.83
CA ASN C 181 18.94 19.32 22.26
C ASN C 181 19.83 20.44 22.76
N THR C 182 21.07 20.51 22.26
CA THR C 182 21.99 21.55 22.67
C THR C 182 21.45 22.94 22.34
N LEU C 183 20.70 23.06 21.25
CA LEU C 183 20.20 24.37 20.84
C LEU C 183 19.14 24.89 21.80
N HIS C 184 18.43 24.02 22.51
CA HIS C 184 17.32 24.44 23.34
C HIS C 184 17.68 24.47 24.83
N GLN C 185 18.15 23.36 25.39
CA GLN C 185 18.55 23.31 26.78
C GLN C 185 20.04 23.58 26.96
N GLY C 186 20.89 22.78 26.34
CA GLY C 186 22.32 23.07 26.35
C GLY C 186 23.22 21.90 26.70
N SER C 187 22.81 21.06 27.63
CA SER C 187 23.66 19.96 28.09
C SER C 187 22.81 18.96 28.84
N THR C 188 23.46 17.87 29.26
CA THR C 188 22.80 16.83 30.04
C THR C 188 22.71 17.24 31.50
N ARG C 189 22.18 16.34 32.33
CA ARG C 189 22.01 16.65 33.75
C ARG C 189 23.34 16.62 34.50
N MET C 190 24.01 15.47 34.48
CA MET C 190 25.24 15.29 35.22
C MET C 190 26.03 14.17 34.57
N GLN C 191 27.33 14.11 34.87
CA GLN C 191 28.23 13.21 34.17
C GLN C 191 27.90 11.75 34.47
N GLN C 192 28.64 10.85 33.83
CA GLN C 192 28.38 9.42 33.88
C GLN C 192 29.36 8.77 34.85
N SER C 193 28.83 8.20 35.93
CA SER C 193 29.65 7.52 36.94
C SER C 193 29.00 6.18 37.28
N ILE C 194 29.57 5.11 36.75
CA ILE C 194 29.04 3.77 36.99
C ILE C 194 29.44 3.26 38.37
N ASP C 195 30.65 3.60 38.82
CA ASP C 195 31.24 3.20 40.10
C ASP C 195 31.58 1.72 40.11
N PRO C 196 32.76 1.34 40.62
CA PRO C 196 33.17 -0.07 40.56
C PRO C 196 32.23 -1.02 41.26
N ALA C 197 31.60 -0.60 42.35
CA ALA C 197 30.69 -1.49 43.06
C ALA C 197 29.40 -1.74 42.29
N MET C 198 29.18 -1.03 41.19
CA MET C 198 27.95 -1.15 40.42
C MET C 198 28.22 -1.30 38.93
N ARG C 199 29.24 -2.11 38.58
CA ARG C 199 29.58 -2.35 37.18
C ARG C 199 29.34 -3.79 36.76
N SER C 200 29.84 -4.76 37.53
CA SER C 200 29.67 -6.16 37.16
C SER C 200 28.21 -6.58 37.00
N PRO C 201 27.30 -6.26 37.92
CA PRO C 201 25.90 -6.66 37.70
C PRO C 201 25.32 -6.08 36.41
N LEU C 202 25.66 -4.83 36.10
CA LEU C 202 25.15 -4.23 34.87
C LEU C 202 25.65 -4.96 33.65
N ARG C 203 26.95 -5.30 33.63
CA ARG C 203 27.48 -6.04 32.48
C ARG C 203 26.83 -7.40 32.35
N TRP C 204 26.61 -8.08 33.48
CA TRP C 204 26.01 -9.39 33.42
C TRP C 204 24.56 -9.31 32.91
N SER C 205 23.85 -8.25 33.30
CA SER C 205 22.51 -8.04 32.75
C SER C 205 22.56 -7.76 31.26
N ILE C 206 23.57 -7.01 30.82
CA ILE C 206 23.77 -6.79 29.39
C ILE C 206 23.88 -8.12 28.67
N PHE C 207 24.73 -9.00 29.19
CA PHE C 207 24.94 -10.31 28.56
C PHE C 207 23.66 -11.14 28.59
N GLY C 208 22.91 -11.06 29.69
CA GLY C 208 21.66 -11.80 29.78
C GLY C 208 20.66 -11.35 28.73
N PHE C 209 20.52 -10.04 28.54
CA PHE C 209 19.64 -9.57 27.48
C PHE C 209 20.16 -9.98 26.11
N LEU C 210 21.49 -9.96 25.93
CA LEU C 210 22.07 -10.50 24.71
C LEU C 210 21.55 -11.91 24.44
N LEU C 211 21.62 -12.77 25.45
CA LEU C 211 21.35 -14.17 25.21
C LEU C 211 19.86 -14.45 25.08
N LEU C 212 19.02 -13.69 25.80
CA LEU C 212 17.58 -13.82 25.57
C LEU C 212 17.20 -13.32 24.17
N SER C 213 17.85 -12.25 23.72
CA SER C 213 17.64 -11.81 22.34
C SER C 213 18.02 -12.92 21.37
N ALA C 214 19.13 -13.60 21.64
CA ALA C 214 19.52 -14.73 20.80
C ALA C 214 18.43 -15.81 20.81
N THR C 215 17.90 -16.13 21.99
CA THR C 215 16.81 -17.11 22.05
C THR C 215 15.67 -16.71 21.15
N LEU C 216 15.19 -15.48 21.30
CA LEU C 216 14.00 -15.05 20.58
C LEU C 216 14.27 -15.01 19.08
N THR C 217 15.47 -14.58 18.68
CA THR C 217 15.82 -14.60 17.27
C THR C 217 15.79 -16.02 16.72
N LEU C 218 16.31 -16.98 17.48
CA LEU C 218 16.29 -18.37 16.99
C LEU C 218 14.86 -18.90 16.88
N MET C 219 14.00 -18.64 17.87
CA MET C 219 12.62 -19.09 17.70
C MET C 219 11.96 -18.44 16.50
N ARG C 220 12.21 -17.14 16.28
CA ARG C 220 11.56 -16.49 15.15
C ARG C 220 12.13 -16.98 13.82
N MET C 221 13.43 -17.31 13.77
CA MET C 221 13.98 -17.96 12.58
C MET C 221 13.30 -19.29 12.32
N ARG C 222 13.10 -20.10 13.36
CA ARG C 222 12.45 -21.39 13.16
C ARG C 222 11.03 -21.20 12.65
N ASN C 223 10.29 -20.25 13.24
CA ASN C 223 8.92 -20.00 12.81
C ASN C 223 8.87 -19.52 11.37
N LEU C 224 9.77 -18.60 11.00
CA LEU C 224 9.79 -18.09 9.64
C LEU C 224 10.19 -19.16 8.64
N ILE C 225 11.10 -20.05 9.04
CA ILE C 225 11.48 -21.16 8.17
C ILE C 225 10.27 -22.04 7.89
N LEU C 226 9.51 -22.37 8.94
CA LEU C 226 8.29 -23.13 8.73
C LEU C 226 7.32 -22.40 7.80
N LEU C 227 7.08 -21.11 8.08
CA LEU C 227 6.10 -20.37 7.31
C LEU C 227 6.49 -20.27 5.84
N MET C 228 7.79 -20.11 5.57
CA MET C 228 8.23 -20.03 4.19
C MET C 228 8.21 -21.40 3.52
N GLU C 229 8.96 -22.35 4.05
CA GLU C 229 9.02 -23.69 3.47
C GLU C 229 7.93 -24.58 4.06
N LYS C 230 6.72 -24.04 4.09
CA LYS C 230 5.54 -24.76 4.57
C LYS C 230 5.00 -25.79 3.59
N ARG C 231 5.22 -25.64 2.28
CA ARG C 231 4.61 -26.55 1.32
C ARG C 231 5.53 -27.69 0.88
N ARG C 232 6.84 -27.55 1.04
CA ARG C 232 7.73 -28.62 0.60
C ARG C 232 7.48 -29.89 1.41
N PRO C 233 7.60 -31.06 0.78
CA PRO C 233 7.36 -32.33 1.50
C PRO C 233 8.34 -32.57 2.64
N TRP C 234 9.35 -31.72 2.77
CA TRP C 234 10.28 -31.79 3.90
C TRP C 234 9.57 -31.62 5.24
N VAL C 235 8.38 -31.02 5.24
CA VAL C 235 7.67 -30.71 6.48
C VAL C 235 6.61 -31.78 6.78
N SER C 236 6.76 -32.98 6.22
CA SER C 236 5.75 -34.03 6.39
C SER C 236 5.51 -34.40 7.85
N GLU C 237 6.47 -34.12 8.73
CA GLU C 237 6.28 -34.39 10.15
C GLU C 237 5.23 -33.46 10.75
N MET D 1 26.51 -13.41 49.77
CA MET D 1 26.42 -13.51 51.23
C MET D 1 26.37 -12.12 51.86
N THR D 2 26.17 -11.10 51.05
CA THR D 2 26.11 -9.71 51.51
C THR D 2 24.89 -9.04 50.90
N PRO D 3 23.73 -9.14 51.55
CA PRO D 3 22.55 -8.43 51.05
C PRO D 3 22.70 -6.92 51.19
N ALA D 4 22.03 -6.20 50.28
CA ALA D 4 21.99 -4.75 50.34
C ALA D 4 20.80 -4.22 51.09
N PHE D 5 19.93 -5.09 51.59
CA PHE D 5 18.76 -4.70 52.36
C PHE D 5 18.90 -5.23 53.78
N ALA D 6 18.66 -4.34 54.75
CA ALA D 6 18.78 -4.74 56.15
C ALA D 6 17.76 -5.79 56.52
N SER D 7 16.61 -5.80 55.87
CA SER D 7 15.57 -6.78 56.16
C SER D 7 14.67 -6.94 54.94
N TRP D 8 13.62 -7.74 55.11
CA TRP D 8 12.72 -8.13 54.03
C TRP D 8 11.69 -7.05 53.73
N ASN D 9 10.60 -7.43 53.05
CA ASN D 9 9.61 -6.50 52.50
C ASN D 9 9.13 -5.45 53.48
N GLU D 10 9.40 -5.64 54.78
CA GLU D 10 9.30 -4.54 55.71
C GLU D 10 10.25 -3.41 55.33
N PHE D 11 11.46 -3.77 54.89
CA PHE D 11 12.41 -2.84 54.30
C PHE D 11 12.45 -2.98 52.78
N PHE D 12 12.34 -4.22 52.27
CA PHE D 12 12.30 -4.44 50.84
C PHE D 12 10.95 -3.99 50.28
N ALA D 13 10.88 -3.91 48.95
CA ALA D 13 9.65 -3.57 48.24
C ALA D 13 9.18 -2.15 48.56
N MET D 14 9.96 -1.45 49.37
CA MET D 14 9.73 -0.03 49.66
C MET D 14 11.11 0.63 49.75
N GLY D 15 11.59 1.13 48.61
CA GLY D 15 12.87 1.80 48.59
C GLY D 15 12.69 3.31 48.75
N GLY D 16 11.49 3.71 49.14
CA GLY D 16 11.14 5.12 49.16
C GLY D 16 10.55 5.52 47.83
N TYR D 17 11.11 4.97 46.76
CA TYR D 17 10.61 5.18 45.40
C TYR D 17 10.14 3.87 44.80
N ALA D 18 9.52 3.01 45.63
CA ALA D 18 9.13 1.68 45.17
C ALA D 18 8.10 1.74 44.06
N PHE D 19 7.26 2.78 44.04
CA PHE D 19 6.19 2.84 43.05
C PHE D 19 6.76 2.88 41.63
N PHE D 20 7.79 3.70 41.42
CA PHE D 20 8.38 3.81 40.08
C PHE D 20 9.08 2.52 39.67
N VAL D 21 9.91 1.96 40.56
CA VAL D 21 10.74 0.84 40.16
C VAL D 21 9.89 -0.41 39.91
N TRP D 22 8.87 -0.64 40.73
CA TRP D 22 8.10 -1.88 40.57
C TRP D 22 7.21 -1.87 39.34
N LEU D 23 6.62 -0.72 38.99
CA LEU D 23 5.86 -0.67 37.75
C LEU D 23 6.78 -0.89 36.55
N ALA D 24 8.02 -0.40 36.62
CA ALA D 24 8.98 -0.66 35.56
C ALA D 24 9.26 -2.15 35.43
N VAL D 25 9.40 -2.84 36.57
CA VAL D 25 9.69 -4.27 36.52
C VAL D 25 8.57 -5.03 35.83
N VAL D 26 7.33 -4.73 36.20
CA VAL D 26 6.20 -5.42 35.57
C VAL D 26 6.10 -5.06 34.10
N MET D 27 6.20 -3.78 33.79
CA MET D 27 6.04 -3.33 32.40
C MET D 27 7.20 -3.79 31.52
N THR D 28 8.30 -4.24 32.11
CA THR D 28 9.35 -4.90 31.34
C THR D 28 9.16 -6.41 31.25
N VAL D 29 8.72 -7.06 32.34
CA VAL D 29 8.56 -8.50 32.30
C VAL D 29 7.45 -8.90 31.33
N ILE D 30 6.38 -8.10 31.26
CA ILE D 30 5.25 -8.46 30.40
C ILE D 30 5.66 -8.61 28.92
N PRO D 31 6.34 -7.65 28.29
CA PRO D 31 6.67 -7.84 26.87
C PRO D 31 7.50 -9.06 26.58
N LEU D 32 8.48 -9.40 27.43
CA LEU D 32 9.29 -10.59 27.19
C LEU D 32 8.44 -11.85 27.21
N VAL D 33 7.63 -12.03 28.25
CA VAL D 33 6.83 -13.24 28.34
C VAL D 33 5.79 -13.27 27.23
N VAL D 34 5.25 -12.11 26.85
CA VAL D 34 4.29 -12.08 25.75
C VAL D 34 4.95 -12.53 24.46
N LEU D 35 6.16 -12.04 24.17
CA LEU D 35 6.84 -12.49 22.96
C LEU D 35 7.12 -13.98 23.01
N VAL D 36 7.59 -14.48 24.16
CA VAL D 36 7.94 -15.90 24.25
C VAL D 36 6.72 -16.76 24.02
N VAL D 37 5.62 -16.46 24.73
CA VAL D 37 4.43 -17.27 24.61
C VAL D 37 3.83 -17.14 23.22
N HIS D 38 3.90 -15.94 22.63
CA HIS D 38 3.37 -15.76 21.29
C HIS D 38 4.15 -16.60 20.28
N SER D 39 5.47 -16.54 20.34
CA SER D 39 6.28 -17.33 19.41
C SER D 39 6.02 -18.82 19.57
N VAL D 40 6.03 -19.30 20.82
CA VAL D 40 5.85 -20.73 21.04
C VAL D 40 4.46 -21.17 20.62
N MET D 41 3.43 -20.41 20.98
CA MET D 41 2.06 -20.79 20.65
C MET D 41 1.83 -20.72 19.15
N GLN D 42 2.41 -19.73 18.46
CA GLN D 42 2.20 -19.62 17.03
C GLN D 42 2.94 -20.72 16.28
N HIS D 43 4.12 -21.11 16.77
CA HIS D 43 4.79 -22.29 16.26
C HIS D 43 3.94 -23.54 16.44
N ARG D 44 3.36 -23.70 17.62
CA ARG D 44 2.51 -24.84 17.89
C ARG D 44 1.29 -24.85 16.96
N ALA D 45 0.71 -23.68 16.72
CA ALA D 45 -0.43 -23.57 15.82
C ALA D 45 -0.05 -23.93 14.40
N ILE D 46 1.15 -23.50 13.96
CA ILE D 46 1.64 -23.95 12.66
C ILE D 46 1.74 -25.46 12.63
N LEU D 47 2.21 -26.05 13.74
CA LEU D 47 2.31 -27.50 13.80
C LEU D 47 0.95 -28.17 13.62
N ARG D 48 -0.08 -27.66 14.31
CA ARG D 48 -1.44 -28.07 13.92
C ARG D 48 -1.82 -27.52 12.56
N GLY D 49 -1.31 -26.34 12.19
CA GLY D 49 -1.67 -25.75 10.91
C GLY D 49 -1.45 -26.68 9.73
N VAL D 50 -0.48 -27.58 9.85
CA VAL D 50 -0.29 -28.60 8.83
C VAL D 50 -1.44 -29.59 8.83
N ALA D 51 -2.00 -29.89 10.01
CA ALA D 51 -2.92 -31.02 10.15
C ALA D 51 -4.18 -30.82 9.29
N GLN D 52 -4.86 -29.68 9.43
CA GLN D 52 -6.06 -29.47 8.62
C GLN D 52 -5.72 -29.30 7.15
N GLN D 53 -4.48 -28.94 6.82
CA GLN D 53 -4.05 -28.98 5.43
C GLN D 53 -3.96 -30.40 4.91
N ARG D 54 -3.68 -31.36 5.79
CA ARG D 54 -3.63 -32.78 5.40
C ARG D 54 -5.03 -33.40 5.55
N ALA D 55 -5.93 -32.93 4.70
CA ALA D 55 -7.31 -33.41 4.68
C ALA D 55 -7.96 -33.14 3.33
N MET E 1 25.78 -16.73 -33.08
CA MET E 1 25.37 -18.00 -32.54
C MET E 1 25.43 -18.03 -31.02
N GLY E 2 24.27 -18.04 -30.37
CA GLY E 2 24.21 -18.18 -28.92
C GLY E 2 24.28 -16.87 -28.16
N MET E 3 23.66 -15.82 -28.70
CA MET E 3 23.57 -14.58 -27.93
C MET E 3 22.52 -14.66 -26.84
N LEU E 4 21.51 -15.50 -27.03
CA LEU E 4 20.49 -15.74 -26.02
C LEU E 4 20.51 -17.21 -25.61
N GLU E 5 20.69 -17.45 -24.31
CA GLU E 5 20.76 -18.82 -23.80
C GLU E 5 20.67 -18.84 -22.27
N ALA E 6 19.81 -19.69 -21.73
CA ALA E 6 19.60 -19.79 -20.30
C ALA E 6 20.20 -21.09 -19.76
N ARG E 7 20.62 -21.06 -18.50
CA ARG E 7 21.33 -22.17 -17.87
C ARG E 7 20.47 -22.79 -16.78
N GLU E 8 20.04 -24.04 -17.01
CA GLU E 8 19.31 -24.88 -16.04
C GLU E 8 18.28 -24.05 -15.27
N LEU E 9 17.54 -23.27 -16.03
CA LEU E 9 16.62 -22.29 -15.46
C LEU E 9 15.41 -23.00 -14.85
N LEU E 10 15.08 -22.62 -13.62
CA LEU E 10 13.89 -23.14 -12.94
C LEU E 10 13.37 -22.09 -11.97
N CYS E 11 12.04 -22.07 -11.82
CA CYS E 11 11.39 -21.09 -10.96
C CYS E 11 10.21 -21.76 -10.26
N GLU E 12 10.02 -21.44 -8.99
CA GLU E 12 8.98 -22.06 -8.16
C GLU E 12 8.10 -20.96 -7.58
N ARG E 13 6.80 -21.02 -7.86
CA ARG E 13 5.82 -20.10 -7.31
C ARG E 13 4.78 -20.90 -6.53
N ASP E 14 4.76 -20.72 -5.22
CA ASP E 14 3.82 -21.38 -4.30
C ASP E 14 4.05 -22.90 -4.43
N GLU E 15 2.99 -23.71 -4.44
CA GLU E 15 3.14 -25.15 -4.52
C GLU E 15 3.46 -25.64 -5.92
N ARG E 16 3.02 -24.94 -6.96
CA ARG E 16 3.09 -25.42 -8.32
C ARG E 16 4.46 -25.15 -8.92
N THR E 17 5.07 -26.18 -9.48
CA THR E 17 6.32 -26.04 -10.21
C THR E 17 5.99 -25.76 -11.68
N LEU E 18 6.37 -24.57 -12.14
CA LEU E 18 6.05 -24.19 -13.51
C LEU E 18 6.96 -24.92 -14.50
N PHE E 19 8.23 -25.07 -14.16
CA PHE E 19 9.24 -25.64 -15.05
C PHE E 19 10.50 -25.88 -14.24
N SER E 20 11.39 -26.71 -14.80
CA SER E 20 12.58 -27.11 -14.07
C SER E 20 13.74 -27.26 -15.04
N GLY E 21 14.85 -26.58 -14.73
CA GLY E 21 16.09 -26.75 -15.46
C GLY E 21 16.03 -26.43 -16.93
N LEU E 22 15.39 -25.31 -17.29
CA LEU E 22 15.31 -24.94 -18.70
C LEU E 22 16.67 -24.46 -19.21
N SER E 23 17.04 -24.96 -20.38
CA SER E 23 18.27 -24.55 -21.04
C SER E 23 18.12 -24.85 -22.52
N PHE E 24 18.33 -23.83 -23.36
CA PHE E 24 18.20 -24.00 -24.79
C PHE E 24 18.91 -22.85 -25.50
N THR E 25 19.58 -23.18 -26.60
CA THR E 25 20.28 -22.20 -27.41
C THR E 25 19.27 -21.38 -28.20
N LEU E 26 19.60 -20.11 -28.41
CA LEU E 26 18.76 -19.19 -29.17
C LEU E 26 19.70 -18.27 -29.95
N ASN E 27 19.96 -18.60 -31.20
CA ASN E 27 20.89 -17.87 -32.05
C ASN E 27 20.13 -17.04 -33.07
N ALA E 28 20.87 -16.33 -33.92
CA ALA E 28 20.26 -15.47 -34.92
C ALA E 28 19.66 -16.30 -36.05
N GLY E 29 18.64 -15.75 -36.70
CA GLY E 29 17.96 -16.42 -37.78
C GLY E 29 16.86 -17.37 -37.36
N GLU E 30 16.40 -17.29 -36.12
CA GLU E 30 15.35 -18.17 -35.62
C GLU E 30 14.07 -17.38 -35.40
N TRP E 31 12.94 -18.09 -35.35
CA TRP E 31 11.65 -17.50 -35.03
C TRP E 31 11.02 -18.41 -33.98
N VAL E 32 10.96 -17.95 -32.74
CA VAL E 32 10.66 -18.80 -31.60
C VAL E 32 9.31 -18.42 -31.02
N GLN E 33 8.50 -19.44 -30.72
CA GLN E 33 7.21 -19.28 -30.06
C GLN E 33 7.17 -20.14 -28.81
N ILE E 34 6.48 -19.66 -27.79
CA ILE E 34 6.36 -20.36 -26.51
C ILE E 34 4.94 -20.92 -26.39
N THR E 35 4.84 -22.21 -26.10
CA THR E 35 3.56 -22.88 -25.93
C THR E 35 3.31 -23.14 -24.45
N GLY E 36 2.03 -23.21 -24.09
CA GLY E 36 1.66 -23.50 -22.72
C GLY E 36 0.18 -23.25 -22.50
N SER E 37 -0.23 -23.52 -21.26
CA SER E 37 -1.60 -23.30 -20.84
C SER E 37 -1.72 -21.96 -20.13
N ASN E 38 -2.97 -21.51 -19.96
CA ASN E 38 -3.22 -20.21 -19.34
C ASN E 38 -2.78 -20.14 -17.90
N GLY E 39 -2.58 -21.28 -17.24
CA GLY E 39 -2.06 -21.28 -15.88
C GLY E 39 -0.55 -21.39 -15.85
N ALA E 40 0.04 -21.73 -16.98
CA ALA E 40 1.50 -21.90 -17.04
C ALA E 40 2.19 -20.56 -16.90
N GLY E 41 3.44 -20.61 -16.45
CA GLY E 41 4.19 -19.39 -16.19
C GLY E 41 4.87 -18.81 -17.41
N LYS E 42 4.17 -18.78 -18.54
CA LYS E 42 4.78 -18.23 -19.75
C LYS E 42 5.07 -16.74 -19.61
N THR E 43 4.14 -15.98 -19.02
CA THR E 43 4.40 -14.57 -18.76
C THR E 43 5.56 -14.42 -17.79
N THR E 44 5.59 -15.25 -16.75
CA THR E 44 6.72 -15.23 -15.82
C THR E 44 8.01 -15.60 -16.53
N LEU E 45 7.94 -16.54 -17.46
CA LEU E 45 9.13 -16.92 -18.22
C LEU E 45 9.67 -15.74 -19.02
N LEU E 46 8.81 -15.08 -19.79
CA LEU E 46 9.27 -14.01 -20.67
C LEU E 46 9.89 -12.86 -19.89
N ARG E 47 9.20 -12.40 -18.85
CA ARG E 47 9.74 -11.33 -18.02
C ARG E 47 11.10 -11.71 -17.47
N LEU E 48 11.32 -13.00 -17.22
CA LEU E 48 12.61 -13.45 -16.72
C LEU E 48 13.69 -13.33 -17.81
N LEU E 49 13.32 -13.56 -19.07
CA LEU E 49 14.30 -13.43 -20.16
C LEU E 49 14.85 -12.01 -20.24
N THR E 50 14.01 -11.01 -19.95
CA THR E 50 14.43 -9.63 -20.09
C THR E 50 15.14 -9.09 -18.86
N GLY E 51 15.32 -9.90 -17.82
CA GLY E 51 16.11 -9.49 -16.68
C GLY E 51 15.37 -8.66 -15.65
N LEU E 52 14.09 -8.37 -15.85
CA LEU E 52 13.32 -7.70 -14.81
C LEU E 52 13.21 -8.56 -13.57
N SER E 53 12.99 -9.86 -13.74
CA SER E 53 12.81 -10.78 -12.64
C SER E 53 14.08 -11.59 -12.40
N ARG E 54 14.47 -11.71 -11.14
CA ARG E 54 15.58 -12.57 -10.76
C ARG E 54 15.09 -14.01 -10.68
N PRO E 55 15.68 -14.94 -11.42
CA PRO E 55 15.20 -16.32 -11.38
C PRO E 55 15.39 -16.95 -10.01
N ASP E 56 14.50 -17.89 -9.68
CA ASP E 56 14.63 -18.61 -8.43
C ASP E 56 15.95 -19.36 -8.37
N ALA E 57 16.34 -20.00 -9.47
CA ALA E 57 17.65 -20.60 -9.59
C ALA E 57 17.98 -20.71 -11.07
N GLY E 58 19.27 -20.86 -11.37
CA GLY E 58 19.73 -20.79 -12.73
C GLY E 58 19.88 -19.35 -13.19
N GLU E 59 20.29 -19.20 -14.44
CA GLU E 59 20.50 -17.86 -14.99
C GLU E 59 20.50 -17.93 -16.51
N VAL E 60 20.42 -16.75 -17.12
CA VAL E 60 20.44 -16.59 -18.56
C VAL E 60 21.65 -15.75 -18.91
N LEU E 61 22.22 -15.99 -20.10
CA LEU E 61 23.44 -15.32 -20.54
C LEU E 61 23.19 -14.59 -21.85
N TRP E 62 23.56 -13.31 -21.88
CA TRP E 62 23.57 -12.53 -23.11
C TRP E 62 24.93 -12.73 -23.76
N GLN E 63 24.96 -13.40 -24.92
CA GLN E 63 26.19 -13.66 -25.66
C GLN E 63 27.15 -14.52 -24.86
N GLY E 64 26.71 -15.04 -23.71
CA GLY E 64 27.58 -15.83 -22.86
C GLY E 64 28.01 -15.12 -21.59
N GLN E 65 27.38 -13.99 -21.30
CA GLN E 65 27.69 -13.21 -20.12
C GLN E 65 26.44 -13.03 -19.27
N PRO E 66 26.57 -13.04 -17.94
CA PRO E 66 25.41 -12.78 -17.08
C PRO E 66 24.79 -11.43 -17.38
N LEU E 67 23.46 -11.39 -17.33
CA LEU E 67 22.73 -10.22 -17.80
C LEU E 67 23.07 -8.98 -17.00
N HIS E 68 23.15 -9.10 -15.68
CA HIS E 68 23.45 -7.94 -14.85
C HIS E 68 24.82 -7.37 -15.15
N GLN E 69 25.75 -8.21 -15.57
CA GLN E 69 27.09 -7.73 -15.94
C GLN E 69 27.05 -6.93 -17.23
N VAL E 70 26.20 -7.33 -18.17
CA VAL E 70 26.20 -6.73 -19.51
C VAL E 70 24.88 -5.98 -19.70
N ARG E 71 24.30 -5.54 -18.59
CA ARG E 71 23.01 -4.84 -18.65
C ARG E 71 23.07 -3.57 -19.48
N ASP E 72 24.25 -2.97 -19.63
CA ASP E 72 24.36 -1.73 -20.40
C ASP E 72 24.10 -1.97 -21.88
N SER E 73 24.92 -2.80 -22.52
CA SER E 73 24.77 -3.06 -23.94
C SER E 73 23.62 -3.99 -24.27
N TYR E 74 23.06 -4.67 -23.26
CA TYR E 74 21.95 -5.58 -23.52
C TYR E 74 20.74 -4.84 -24.05
N HIS E 75 20.42 -3.69 -23.44
CA HIS E 75 19.26 -2.92 -23.86
C HIS E 75 19.43 -2.30 -25.24
N GLN E 76 20.64 -2.38 -25.81
CA GLN E 76 20.83 -1.93 -27.19
C GLN E 76 19.97 -2.76 -28.13
N ASN E 77 19.91 -4.07 -27.92
CA ASN E 77 19.21 -4.99 -28.81
C ASN E 77 18.12 -5.73 -28.03
N LEU E 78 16.96 -5.11 -27.88
CA LEU E 78 15.80 -5.77 -27.33
C LEU E 78 14.59 -4.87 -27.50
N LEU E 79 13.44 -5.49 -27.78
CA LEU E 79 12.16 -4.79 -27.83
C LEU E 79 11.12 -5.68 -27.16
N TRP E 80 10.43 -5.14 -26.17
CA TRP E 80 9.52 -5.92 -25.34
C TRP E 80 8.17 -5.24 -25.27
N ILE E 81 7.11 -6.00 -25.51
CA ILE E 81 5.72 -5.54 -25.40
C ILE E 81 4.95 -6.62 -24.66
N GLY E 82 4.53 -6.33 -23.43
CA GLY E 82 3.89 -7.30 -22.59
C GLY E 82 2.37 -7.17 -22.57
N HIS E 83 1.77 -7.83 -21.57
CA HIS E 83 0.33 -7.67 -21.35
C HIS E 83 -0.01 -6.21 -21.11
N GLN E 84 0.80 -5.53 -20.32
CA GLN E 84 0.69 -4.08 -20.14
C GLN E 84 1.38 -3.38 -21.30
N PRO E 85 0.70 -2.46 -21.98
CA PRO E 85 1.29 -1.87 -23.19
C PRO E 85 2.57 -1.08 -22.96
N GLY E 86 2.69 -0.42 -21.79
CA GLY E 86 3.88 0.36 -21.52
C GLY E 86 3.91 1.71 -22.21
N ILE E 87 2.75 2.29 -22.51
CA ILE E 87 2.68 3.55 -23.23
C ILE E 87 1.78 4.51 -22.46
N LYS E 88 2.18 5.78 -22.43
CA LYS E 88 1.48 6.78 -21.63
C LYS E 88 0.10 7.05 -22.22
N THR E 89 -0.93 6.87 -21.39
CA THR E 89 -2.30 6.94 -21.90
C THR E 89 -2.73 8.37 -22.20
N ARG E 90 -2.30 9.34 -21.38
CA ARG E 90 -2.74 10.71 -21.60
C ARG E 90 -1.85 11.43 -22.61
N LEU E 91 -0.82 10.77 -23.12
CA LEU E 91 0.09 11.35 -24.10
C LEU E 91 -0.24 10.80 -25.48
N THR E 92 -0.17 11.66 -26.49
CA THR E 92 -0.64 11.29 -27.82
C THR E 92 0.30 10.29 -28.47
N ALA E 93 -0.19 9.68 -29.55
CA ALA E 93 0.49 8.52 -30.14
C ALA E 93 1.82 8.91 -30.77
N LEU E 94 1.84 9.96 -31.58
CA LEU E 94 3.05 10.32 -32.32
C LEU E 94 4.19 10.63 -31.36
N GLU E 95 3.91 11.35 -30.29
CA GLU E 95 4.95 11.73 -29.35
C GLU E 95 5.24 10.63 -28.33
N ASN E 96 4.30 9.70 -28.11
CA ASN E 96 4.60 8.54 -27.27
C ASN E 96 5.74 7.73 -27.86
N LEU E 97 5.62 7.36 -29.13
CA LEU E 97 6.65 6.58 -29.78
C LEU E 97 7.89 7.41 -30.06
N HIS E 98 7.75 8.74 -30.09
CA HIS E 98 8.89 9.63 -30.33
C HIS E 98 10.01 9.39 -29.33
N PHE E 99 9.68 8.98 -28.11
CA PHE E 99 10.70 8.67 -27.12
C PHE E 99 11.64 7.59 -27.64
N TYR E 100 11.09 6.55 -28.24
CA TYR E 100 11.86 5.39 -28.66
C TYR E 100 12.60 5.60 -29.98
N HIS E 101 12.76 6.85 -30.41
CA HIS E 101 13.50 7.17 -31.63
C HIS E 101 14.84 7.79 -31.28
N ARG E 102 15.92 7.11 -31.66
CA ARG E 102 17.25 7.68 -31.51
C ARG E 102 17.48 8.81 -32.50
N ASP E 103 16.91 8.72 -33.70
CA ASP E 103 17.05 9.76 -34.70
C ASP E 103 15.97 9.58 -35.75
N GLY E 104 15.91 10.54 -36.68
CA GLY E 104 14.97 10.48 -37.77
C GLY E 104 13.51 10.61 -37.40
N ASP E 105 13.22 11.16 -36.22
CA ASP E 105 11.88 11.19 -35.69
C ASP E 105 11.09 12.37 -36.27
N THR E 106 9.78 12.38 -35.96
CA THR E 106 8.81 13.40 -36.34
C THR E 106 8.42 13.29 -37.81
N ALA E 107 9.16 12.48 -38.57
CA ALA E 107 8.79 12.22 -39.95
C ALA E 107 8.71 10.74 -40.27
N GLN E 108 9.61 9.92 -39.71
CA GLN E 108 9.60 8.49 -39.93
C GLN E 108 8.56 7.78 -39.06
N CYS E 109 7.99 8.49 -38.08
CA CYS E 109 6.99 7.89 -37.21
C CYS E 109 5.73 7.53 -38.00
N LEU E 110 5.34 8.40 -38.92
CA LEU E 110 4.05 8.26 -39.59
C LEU E 110 3.96 6.97 -40.41
N GLU E 111 5.05 6.63 -41.09
CA GLU E 111 5.02 5.48 -42.00
C GLU E 111 4.77 4.18 -41.24
N ALA E 112 5.39 4.03 -40.08
CA ALA E 112 5.26 2.78 -39.33
C ALA E 112 3.85 2.62 -38.77
N LEU E 113 3.31 3.68 -38.15
CA LEU E 113 2.00 3.57 -37.51
C LEU E 113 0.91 3.35 -38.55
N ALA E 114 1.03 3.96 -39.73
CA ALA E 114 0.05 3.77 -40.78
C ALA E 114 0.00 2.31 -41.22
N GLN E 115 1.16 1.67 -41.33
CA GLN E 115 1.17 0.24 -41.63
C GLN E 115 0.44 -0.56 -40.56
N ALA E 116 0.65 -0.18 -39.29
CA ALA E 116 -0.13 -0.79 -38.22
C ALA E 116 -1.61 -0.47 -38.37
N GLY E 117 -1.94 0.69 -38.91
CA GLY E 117 -3.32 1.05 -39.15
C GLY E 117 -3.83 2.16 -38.25
N LEU E 118 -2.96 3.10 -37.90
CA LEU E 118 -3.32 4.25 -37.09
C LEU E 118 -3.13 5.55 -37.86
N ALA E 119 -3.27 5.47 -39.19
CA ALA E 119 -3.22 6.67 -40.01
C ALA E 119 -4.40 7.59 -39.66
N GLY E 120 -4.11 8.88 -39.51
CA GLY E 120 -5.10 9.83 -39.03
C GLY E 120 -5.26 9.87 -37.53
N PHE E 121 -4.51 9.05 -36.79
CA PHE E 121 -4.54 9.05 -35.34
C PHE E 121 -3.17 9.39 -34.75
N GLU E 122 -2.34 10.10 -35.51
CA GLU E 122 -1.03 10.48 -35.01
C GLU E 122 -1.11 11.45 -33.85
N ASP E 123 -2.01 12.43 -33.92
CA ASP E 123 -2.10 13.49 -32.93
C ASP E 123 -3.34 13.39 -32.04
N ILE E 124 -3.71 12.17 -31.67
CA ILE E 124 -4.80 11.93 -30.72
C ILE E 124 -4.21 11.26 -29.49
N PRO E 125 -4.57 11.69 -28.28
CA PRO E 125 -4.11 10.98 -27.08
C PRO E 125 -4.69 9.57 -27.00
N VAL E 126 -3.98 8.72 -26.25
CA VAL E 126 -4.28 7.30 -26.22
C VAL E 126 -5.66 7.04 -25.61
N ASN E 127 -6.00 7.77 -24.54
CA ASN E 127 -7.22 7.48 -23.79
C ASN E 127 -8.50 7.70 -24.61
N GLN E 128 -8.44 8.38 -25.75
CA GLN E 128 -9.57 8.39 -26.68
C GLN E 128 -9.38 7.44 -27.85
N LEU E 129 -8.59 6.39 -27.68
CA LEU E 129 -8.40 5.38 -28.71
C LEU E 129 -8.85 4.01 -28.23
N SER E 130 -9.30 3.19 -29.18
CA SER E 130 -9.76 1.86 -28.86
C SER E 130 -8.62 0.98 -28.39
N ALA E 131 -8.95 0.01 -27.52
CA ALA E 131 -7.91 -0.85 -26.94
C ALA E 131 -7.17 -1.62 -28.01
N GLY E 132 -7.89 -2.13 -29.01
CA GLY E 132 -7.22 -2.82 -30.10
C GLY E 132 -6.27 -1.91 -30.86
N GLN E 133 -6.74 -0.71 -31.21
CA GLN E 133 -5.84 0.29 -31.79
C GLN E 133 -4.78 0.71 -30.79
N GLN E 134 -5.12 0.72 -29.51
CA GLN E 134 -4.17 1.09 -28.47
C GLN E 134 -2.97 0.15 -28.46
N ARG E 135 -3.23 -1.14 -28.61
CA ARG E 135 -2.13 -2.10 -28.70
C ARG E 135 -1.25 -1.82 -29.90
N ARG E 136 -1.86 -1.44 -31.02
CA ARG E 136 -1.12 -1.28 -32.27
C ARG E 136 -0.05 -0.21 -32.16
N VAL E 137 -0.29 0.84 -31.38
CA VAL E 137 0.69 1.92 -31.25
C VAL E 137 1.98 1.37 -30.65
N ALA E 138 1.86 0.53 -29.63
CA ALA E 138 3.04 -0.14 -29.08
C ALA E 138 3.67 -1.03 -30.14
N LEU E 139 2.87 -1.77 -30.89
CA LEU E 139 3.40 -2.64 -31.93
C LEU E 139 4.02 -1.86 -33.08
N ALA E 140 3.65 -0.60 -33.26
CA ALA E 140 4.21 0.19 -34.35
C ALA E 140 5.72 0.36 -34.20
N ARG E 141 6.25 0.17 -32.99
CA ARG E 141 7.70 0.26 -32.80
C ARG E 141 8.46 -0.78 -33.60
N LEU E 142 7.79 -1.84 -34.04
CA LEU E 142 8.48 -2.91 -34.74
C LEU E 142 9.16 -2.40 -36.00
N TRP E 143 8.44 -1.63 -36.81
CA TRP E 143 8.96 -1.16 -38.09
C TRP E 143 10.14 -0.20 -37.93
N LEU E 144 10.31 0.42 -36.77
CA LEU E 144 11.31 1.47 -36.59
C LEU E 144 12.50 1.05 -35.74
N THR E 145 12.30 0.14 -34.80
CA THR E 145 13.41 -0.26 -33.93
C THR E 145 14.46 -1.02 -34.74
N ARG E 146 15.72 -0.81 -34.39
CA ARG E 146 16.82 -1.59 -34.95
C ARG E 146 17.25 -2.72 -34.03
N ALA E 147 16.55 -2.92 -32.91
CA ALA E 147 16.90 -3.97 -31.99
C ALA E 147 16.75 -5.34 -32.64
N THR E 148 17.71 -6.23 -32.38
CA THR E 148 17.68 -7.56 -32.97
C THR E 148 16.68 -8.49 -32.30
N LEU E 149 16.26 -8.18 -31.08
CA LEU E 149 15.38 -9.06 -30.32
C LEU E 149 14.01 -8.41 -30.20
N TRP E 150 12.99 -9.09 -30.69
CA TRP E 150 11.59 -8.66 -30.55
C TRP E 150 10.90 -9.67 -29.65
N ILE E 151 10.51 -9.23 -28.45
CA ILE E 151 9.85 -10.09 -27.49
C ILE E 151 8.43 -9.59 -27.34
N LEU E 152 7.47 -10.41 -27.76
CA LEU E 152 6.05 -10.07 -27.72
C LEU E 152 5.35 -11.00 -26.74
N ASP E 153 4.58 -10.40 -25.82
CA ASP E 153 3.81 -11.17 -24.85
C ASP E 153 2.33 -11.06 -25.22
N GLU E 154 1.81 -12.11 -25.85
CA GLU E 154 0.44 -12.18 -26.35
C GLU E 154 0.13 -10.95 -27.19
N PRO E 155 0.82 -10.75 -28.31
CA PRO E 155 0.63 -9.54 -29.10
C PRO E 155 -0.60 -9.55 -29.99
N PHE E 156 -1.47 -10.55 -29.86
CA PHE E 156 -2.66 -10.67 -30.68
C PHE E 156 -3.91 -10.78 -29.80
N THR E 157 -3.96 -9.98 -28.74
CA THR E 157 -5.07 -10.07 -27.80
C THR E 157 -6.38 -9.67 -28.46
N ALA E 158 -6.40 -8.52 -29.14
CA ALA E 158 -7.60 -8.06 -29.83
C ALA E 158 -7.27 -7.42 -31.18
N ILE E 159 -6.23 -7.92 -31.84
CA ILE E 159 -5.69 -7.30 -33.05
C ILE E 159 -6.23 -8.06 -34.26
N ASP E 160 -6.69 -7.30 -35.25
CA ASP E 160 -7.36 -7.87 -36.41
C ASP E 160 -6.43 -8.74 -37.23
N VAL E 161 -7.01 -9.72 -37.92
CA VAL E 161 -6.23 -10.66 -38.72
C VAL E 161 -5.49 -9.93 -39.83
N ASN E 162 -6.12 -8.90 -40.41
CA ASN E 162 -5.42 -8.08 -41.39
C ASN E 162 -4.21 -7.40 -40.75
N GLY E 163 -4.36 -6.91 -39.52
CA GLY E 163 -3.21 -6.46 -38.76
C GLY E 163 -2.27 -7.60 -38.41
N VAL E 164 -2.83 -8.74 -37.99
CA VAL E 164 -2.00 -9.85 -37.56
C VAL E 164 -1.12 -10.34 -38.70
N ASP E 165 -1.70 -10.52 -39.88
CA ASP E 165 -0.91 -10.93 -41.04
C ASP E 165 0.16 -9.90 -41.37
N ARG E 166 -0.20 -8.62 -41.34
CA ARG E 166 0.79 -7.58 -41.54
C ARG E 166 1.87 -7.62 -40.46
N LEU E 167 1.46 -7.80 -39.20
CA LEU E 167 2.43 -7.99 -38.14
C LEU E 167 3.24 -9.25 -38.36
N THR E 168 2.58 -10.36 -38.66
CA THR E 168 3.28 -11.62 -38.85
C THR E 168 4.34 -11.49 -39.94
N GLN E 169 4.01 -10.80 -41.02
CA GLN E 169 5.00 -10.53 -42.06
C GLN E 169 6.16 -9.71 -41.52
N ARG E 170 5.87 -8.74 -40.64
CA ARG E 170 6.92 -7.89 -40.08
C ARG E 170 7.98 -8.71 -39.36
N MET E 171 7.55 -9.61 -38.46
CA MET E 171 8.49 -10.53 -37.86
C MET E 171 8.89 -11.66 -38.78
N ALA E 172 8.19 -11.85 -39.90
CA ALA E 172 8.66 -12.76 -40.93
C ALA E 172 9.71 -12.13 -41.83
N GLN E 173 9.81 -10.80 -41.85
CA GLN E 173 10.80 -10.10 -42.66
C GLN E 173 11.93 -9.53 -41.82
N HIS E 174 12.05 -9.96 -40.57
CA HIS E 174 13.09 -9.47 -39.66
C HIS E 174 14.12 -10.53 -39.29
N THR E 175 13.67 -11.76 -39.05
CA THR E 175 14.56 -12.77 -38.51
C THR E 175 15.57 -13.26 -39.55
N GLU E 176 15.16 -13.35 -40.81
CA GLU E 176 16.03 -13.93 -41.83
C GLU E 176 17.32 -13.13 -41.99
N GLN E 177 17.28 -11.83 -41.71
CA GLN E 177 18.49 -11.02 -41.75
C GLN E 177 19.34 -11.19 -40.50
N GLY E 178 18.87 -11.93 -39.51
CA GLY E 178 19.60 -12.12 -38.27
C GLY E 178 18.77 -11.77 -37.06
N GLY E 179 17.52 -11.34 -37.30
CA GLY E 179 16.65 -10.97 -36.20
C GLY E 179 16.12 -12.17 -35.44
N ILE E 180 15.59 -11.90 -34.26
CA ILE E 180 15.00 -12.92 -33.40
C ILE E 180 13.69 -12.36 -32.86
N VAL E 181 12.63 -13.15 -32.94
CA VAL E 181 11.32 -12.75 -32.46
C VAL E 181 10.85 -13.80 -31.46
N ILE E 182 11.15 -13.57 -30.18
CA ILE E 182 10.67 -14.45 -29.13
C ILE E 182 9.20 -14.16 -28.92
N LEU E 183 8.35 -15.14 -29.20
CA LEU E 183 6.92 -14.91 -29.32
C LEU E 183 6.15 -15.84 -28.39
N THR E 184 4.99 -15.37 -27.94
CA THR E 184 4.00 -16.23 -27.32
C THR E 184 2.64 -15.88 -27.90
N THR E 185 1.86 -16.88 -28.25
CA THR E 185 0.59 -16.67 -28.93
C THR E 185 -0.40 -17.75 -28.53
N HIS E 186 -1.68 -17.43 -28.72
CA HIS E 186 -2.75 -18.41 -28.63
C HIS E 186 -3.45 -18.65 -29.95
N GLN E 187 -3.38 -17.69 -30.87
CA GLN E 187 -3.86 -17.91 -32.22
C GLN E 187 -2.86 -18.78 -32.97
N PRO E 188 -3.31 -19.81 -33.70
CA PRO E 188 -2.38 -20.65 -34.46
C PRO E 188 -1.74 -19.85 -35.59
N LEU E 189 -0.43 -19.68 -35.52
CA LEU E 189 0.28 -18.83 -36.45
C LEU E 189 0.11 -19.32 -37.89
N ASN E 190 -0.26 -18.39 -38.78
CA ASN E 190 -0.58 -18.73 -40.17
C ASN E 190 0.65 -18.56 -41.06
N VAL E 191 1.74 -19.21 -40.64
CA VAL E 191 3.00 -19.18 -41.37
C VAL E 191 3.52 -20.61 -41.44
N ALA E 192 4.59 -20.80 -42.22
CA ALA E 192 5.15 -22.13 -42.41
C ALA E 192 5.52 -22.74 -41.06
N GLU E 193 5.09 -23.99 -40.86
CA GLU E 193 5.24 -24.61 -39.54
C GLU E 193 6.67 -24.93 -39.19
N SER E 194 7.57 -25.01 -40.18
CA SER E 194 8.98 -25.21 -39.89
C SER E 194 9.68 -23.95 -39.42
N LYS E 195 9.04 -22.79 -39.54
CA LYS E 195 9.61 -21.54 -39.09
C LYS E 195 9.49 -21.34 -37.58
N ILE E 196 8.70 -22.17 -36.90
CA ILE E 196 8.45 -22.04 -35.47
C ILE E 196 9.17 -23.18 -34.76
N ARG E 197 9.97 -22.83 -33.76
CA ARG E 197 10.67 -23.79 -32.92
C ARG E 197 9.99 -23.75 -31.56
N ARG E 198 9.09 -24.69 -31.31
CA ARG E 198 8.24 -24.65 -30.13
C ARG E 198 9.02 -25.06 -28.89
N ILE E 199 8.76 -24.36 -27.78
CA ILE E 199 9.24 -24.76 -26.47
C ILE E 199 8.06 -24.75 -25.50
N SER E 200 7.90 -25.84 -24.75
CA SER E 200 6.85 -25.98 -23.76
C SER E 200 7.46 -25.94 -22.36
N LEU E 201 6.59 -25.68 -21.38
CA LEU E 201 7.01 -25.60 -19.98
C LEU E 201 7.19 -27.02 -19.43
N THR E 202 8.27 -27.66 -19.86
CA THR E 202 8.58 -29.01 -19.44
C THR E 202 9.40 -29.01 -18.15
N MET F 1 16.88 8.27 -23.84
CA MET F 1 18.24 7.74 -23.83
C MET F 1 19.19 8.71 -23.16
N MET F 2 18.83 9.98 -23.20
CA MET F 2 19.59 11.03 -22.53
C MET F 2 18.82 11.53 -21.31
N PHE F 3 19.54 12.17 -20.39
CA PHE F 3 18.91 12.74 -19.21
C PHE F 3 17.81 13.72 -19.61
N TRP F 4 18.11 14.59 -20.57
CA TRP F 4 17.17 15.63 -20.94
C TRP F 4 15.90 15.06 -21.57
N ARG F 5 15.99 13.99 -22.34
CA ARG F 5 14.81 13.45 -23.00
C ARG F 5 13.79 12.93 -21.99
N ILE F 6 14.24 12.05 -21.09
CA ILE F 6 13.34 11.54 -20.06
C ILE F 6 12.87 12.67 -19.17
N PHE F 7 13.75 13.63 -18.89
CA PHE F 7 13.36 14.79 -18.09
C PHE F 7 12.18 15.53 -18.71
N ARG F 8 12.31 15.89 -20.00
CA ARG F 8 11.27 16.69 -20.64
C ARG F 8 9.99 15.89 -20.82
N LEU F 9 10.10 14.59 -21.12
CA LEU F 9 8.86 13.84 -21.31
C LEU F 9 8.13 13.63 -19.98
N GLU F 10 8.87 13.40 -18.90
CA GLU F 10 8.24 13.32 -17.59
C GLU F 10 7.59 14.64 -17.23
N LEU F 11 8.27 15.75 -17.54
CA LEU F 11 7.66 17.06 -17.32
C LEU F 11 6.37 17.20 -18.11
N ARG F 12 6.39 16.83 -19.39
CA ARG F 12 5.22 16.94 -20.23
C ARG F 12 4.04 16.15 -19.66
N VAL F 13 4.29 14.89 -19.29
CA VAL F 13 3.19 14.10 -18.74
C VAL F 13 2.75 14.67 -17.40
N ALA F 14 3.65 15.39 -16.70
CA ALA F 14 3.22 16.09 -15.50
C ALA F 14 2.29 17.26 -15.82
N PHE F 15 2.59 18.01 -16.88
CA PHE F 15 1.70 19.11 -17.26
C PHE F 15 0.33 18.59 -17.64
N ARG F 16 0.28 17.42 -18.30
CA ARG F 16 -1.00 16.83 -18.64
C ARG F 16 -1.77 16.38 -17.41
N HIS F 17 -1.07 16.06 -16.32
CA HIS F 17 -1.71 15.60 -15.09
C HIS F 17 -2.01 16.76 -14.15
N SER F 18 -2.74 17.76 -14.66
CA SER F 18 -3.25 18.82 -13.80
C SER F 18 -4.41 18.30 -12.97
N ALA F 19 -4.78 19.09 -11.96
CA ALA F 19 -5.93 18.95 -11.08
C ALA F 19 -5.74 17.94 -9.97
N GLU F 20 -4.67 17.13 -9.99
CA GLU F 20 -4.27 16.45 -8.76
C GLU F 20 -2.99 16.99 -8.18
N ILE F 21 -2.14 17.60 -9.00
CA ILE F 21 -0.94 18.26 -8.47
C ILE F 21 -1.30 19.44 -7.59
N ALA F 22 -2.46 20.05 -7.84
CA ALA F 22 -2.91 21.15 -6.99
C ALA F 22 -3.36 20.65 -5.62
N ASN F 23 -3.76 19.38 -5.53
CA ASN F 23 -4.20 18.84 -4.25
C ASN F 23 -3.13 18.99 -3.16
N PRO F 24 -1.85 18.68 -3.39
CA PRO F 24 -0.83 19.06 -2.40
C PRO F 24 -0.83 20.55 -2.12
N LEU F 25 -1.03 21.39 -3.14
CA LEU F 25 -1.00 22.84 -2.93
C LEU F 25 -2.20 23.29 -2.10
N TRP F 26 -3.39 22.79 -2.42
CA TRP F 26 -4.57 23.13 -1.63
C TRP F 26 -4.43 22.64 -0.19
N PHE F 27 -3.88 21.43 -0.02
CA PHE F 27 -3.65 20.93 1.32
C PHE F 27 -2.67 21.82 2.08
N PHE F 28 -1.60 22.24 1.41
CA PHE F 28 -0.62 23.13 2.03
C PHE F 28 -1.29 24.42 2.47
N LEU F 29 -2.10 25.00 1.60
CA LEU F 29 -2.78 26.24 1.93
C LEU F 29 -3.70 26.06 3.14
N ILE F 30 -4.50 25.00 3.14
CA ILE F 30 -5.45 24.83 4.23
C ILE F 30 -4.72 24.59 5.54
N VAL F 31 -3.66 23.77 5.53
CA VAL F 31 -2.97 23.47 6.78
C VAL F 31 -2.23 24.70 7.30
N ILE F 32 -1.64 25.49 6.42
CA ILE F 32 -0.97 26.69 6.90
C ILE F 32 -1.99 27.74 7.33
N THR F 33 -3.26 27.60 6.93
CA THR F 33 -4.25 28.56 7.38
C THR F 33 -4.93 28.15 8.67
N LEU F 34 -4.99 26.85 8.99
CA LEU F 34 -5.70 26.43 10.20
C LEU F 34 -5.09 27.05 11.46
N PHE F 35 -3.78 26.89 11.64
CA PHE F 35 -3.15 27.31 12.90
C PHE F 35 -3.28 28.80 13.16
N PRO F 36 -2.98 29.71 12.22
CA PRO F 36 -3.25 31.14 12.49
C PRO F 36 -4.71 31.41 12.78
N LEU F 37 -5.62 30.63 12.19
CA LEU F 37 -7.02 30.71 12.55
C LEU F 37 -7.32 30.00 13.86
N SER F 38 -6.55 28.95 14.18
CA SER F 38 -6.75 28.24 15.44
C SER F 38 -6.44 29.13 16.63
N ILE F 39 -5.37 29.89 16.54
CA ILE F 39 -4.96 30.80 17.61
C ILE F 39 -5.46 32.21 17.31
N GLY F 40 -6.01 32.86 18.32
CA GLY F 40 -6.56 34.19 18.18
C GLY F 40 -5.51 35.25 17.88
N PRO F 41 -5.90 36.51 17.96
CA PRO F 41 -5.00 37.60 17.56
C PRO F 41 -3.87 37.85 18.55
N GLU F 42 -2.81 37.05 18.46
CA GLU F 42 -1.60 37.25 19.26
C GLU F 42 -0.40 36.84 18.42
N PRO F 43 0.38 37.81 17.92
CA PRO F 43 1.38 37.48 16.90
C PRO F 43 2.66 36.86 17.44
N GLN F 44 3.01 37.13 18.71
CA GLN F 44 4.31 36.69 19.22
C GLN F 44 4.42 35.17 19.18
N LEU F 45 3.37 34.46 19.59
CA LEU F 45 3.39 33.01 19.49
C LEU F 45 3.33 32.57 18.03
N LEU F 46 2.59 33.29 17.20
CA LEU F 46 2.52 32.93 15.78
C LEU F 46 3.89 33.02 15.12
N ALA F 47 4.67 34.06 15.46
CA ALA F 47 6.04 34.12 14.98
C ALA F 47 6.87 32.95 15.49
N ARG F 48 6.60 32.51 16.72
CA ARG F 48 7.37 31.41 17.29
C ARG F 48 7.03 30.07 16.66
N ILE F 49 5.78 29.86 16.27
CA ILE F 49 5.34 28.57 15.73
C ILE F 49 5.26 28.55 14.22
N ALA F 50 5.52 29.68 13.57
CA ALA F 50 5.40 29.74 12.10
C ALA F 50 6.31 28.75 11.39
N PRO F 51 7.63 28.71 11.66
CA PRO F 51 8.47 27.76 10.92
C PRO F 51 8.03 26.32 11.09
N GLY F 52 7.63 25.93 12.30
CA GLY F 52 7.24 24.55 12.51
C GLY F 52 6.00 24.16 11.73
N ILE F 53 4.97 25.00 11.78
CA ILE F 53 3.74 24.67 11.07
C ILE F 53 3.98 24.66 9.57
N ILE F 54 4.69 25.66 9.04
CA ILE F 54 4.88 25.69 7.60
C ILE F 54 5.75 24.52 7.13
N TRP F 55 6.73 24.11 7.94
CA TRP F 55 7.59 23.03 7.50
C TRP F 55 6.91 21.68 7.60
N VAL F 56 6.11 21.46 8.65
CA VAL F 56 5.32 20.23 8.67
C VAL F 56 4.34 20.21 7.50
N ALA F 57 3.82 21.39 7.14
CA ALA F 57 2.99 21.50 5.95
C ALA F 57 3.78 21.08 4.71
N ALA F 58 5.03 21.52 4.62
CA ALA F 58 5.86 21.16 3.48
C ALA F 58 6.10 19.66 3.42
N LEU F 59 6.38 19.04 4.57
CA LEU F 59 6.51 17.59 4.61
C LEU F 59 5.25 16.90 4.10
N LEU F 60 4.09 17.27 4.65
CA LEU F 60 2.87 16.59 4.28
C LEU F 60 2.54 16.80 2.80
N SER F 61 2.74 18.01 2.30
CA SER F 61 2.53 18.28 0.89
C SER F 61 3.47 17.45 0.03
N SER F 62 4.72 17.30 0.47
CA SER F 62 5.67 16.48 -0.27
C SER F 62 5.21 15.03 -0.33
N LEU F 63 4.72 14.50 0.79
CA LEU F 63 4.20 13.13 0.78
C LEU F 63 3.02 12.98 -0.17
N LEU F 64 2.06 13.91 -0.10
CA LEU F 64 0.89 13.81 -0.98
C LEU F 64 1.29 13.92 -2.44
N ALA F 65 2.22 14.81 -2.77
CA ALA F 65 2.66 14.94 -4.16
C ALA F 65 3.46 13.73 -4.62
N LEU F 66 4.26 13.14 -3.72
CA LEU F 66 5.08 11.99 -4.04
C LEU F 66 4.28 10.71 -4.13
N GLU F 67 3.07 10.68 -3.56
CA GLU F 67 2.24 9.48 -3.66
C GLU F 67 2.01 9.04 -5.10
N ARG F 68 2.02 9.97 -6.06
CA ARG F 68 1.77 9.62 -7.45
C ARG F 68 3.04 9.19 -8.19
N LEU F 69 4.20 9.32 -7.55
CA LEU F 69 5.47 9.23 -8.29
C LEU F 69 5.57 7.95 -9.10
N PHE F 70 5.17 6.83 -8.50
CA PHE F 70 5.22 5.54 -9.19
C PHE F 70 3.86 4.86 -9.30
N ARG F 71 2.79 5.49 -8.81
CA ARG F 71 1.47 4.88 -8.88
C ARG F 71 1.08 4.55 -10.32
N ASP F 72 1.14 5.54 -11.20
CA ASP F 72 0.75 5.33 -12.59
C ASP F 72 1.93 4.92 -13.45
N ASP F 73 2.71 3.98 -12.96
CA ASP F 73 3.80 3.39 -13.72
C ASP F 73 3.79 1.88 -13.69
N LEU F 74 3.44 1.27 -12.55
CA LEU F 74 3.49 -0.17 -12.44
C LEU F 74 2.51 -0.83 -13.40
N GLN F 75 1.28 -0.32 -13.46
CA GLN F 75 0.29 -0.92 -14.36
C GLN F 75 0.64 -0.67 -15.82
N ASP F 76 1.33 0.43 -16.12
CA ASP F 76 1.68 0.72 -17.50
C ASP F 76 3.18 0.75 -17.74
N GLY F 77 3.93 1.63 -17.08
CA GLY F 77 5.26 1.93 -17.55
C GLY F 77 6.37 2.06 -16.53
N SER F 78 6.28 1.31 -15.43
CA SER F 78 7.45 1.18 -14.57
C SER F 78 8.61 0.54 -15.31
N LEU F 79 8.31 -0.51 -16.07
CA LEU F 79 9.26 -1.05 -17.02
C LEU F 79 9.32 -0.15 -18.25
N GLU F 80 10.05 -0.59 -19.27
CA GLU F 80 10.52 0.17 -20.42
C GLU F 80 11.66 1.11 -20.06
N GLN F 81 12.03 1.19 -18.78
CA GLN F 81 13.25 1.87 -18.36
C GLN F 81 14.25 0.90 -17.77
N LEU F 82 13.80 -0.04 -16.93
CA LEU F 82 14.64 -1.17 -16.57
C LEU F 82 14.97 -2.00 -17.80
N MET F 83 13.97 -2.20 -18.65
CA MET F 83 14.06 -3.06 -19.82
C MET F 83 14.69 -2.37 -21.03
N LEU F 84 14.50 -1.07 -21.18
CA LEU F 84 15.03 -0.32 -22.31
C LEU F 84 15.91 0.81 -21.81
N LEU F 85 16.27 1.73 -22.70
CA LEU F 85 17.06 2.89 -22.33
C LEU F 85 18.38 2.45 -21.73
N PRO F 86 19.32 1.98 -22.55
CA PRO F 86 20.59 1.43 -22.02
C PRO F 86 21.28 2.30 -20.98
N LEU F 87 20.88 3.56 -20.89
CA LEU F 87 21.34 4.42 -19.82
C LEU F 87 21.00 3.79 -18.47
N PRO F 88 21.93 3.83 -17.52
CA PRO F 88 21.69 3.12 -16.24
C PRO F 88 20.42 3.59 -15.55
N LEU F 89 19.73 2.63 -14.94
CA LEU F 89 18.47 2.93 -14.25
C LEU F 89 18.59 4.02 -13.19
N PRO F 90 19.63 4.06 -12.34
CA PRO F 90 19.71 5.17 -11.37
C PRO F 90 19.65 6.53 -12.03
N ALA F 91 20.23 6.68 -13.21
CA ALA F 91 20.13 7.95 -13.92
C ALA F 91 18.69 8.26 -14.31
N VAL F 92 17.94 7.25 -14.75
CA VAL F 92 16.55 7.45 -15.11
C VAL F 92 15.74 7.87 -13.90
N VAL F 93 15.97 7.20 -12.76
CA VAL F 93 15.25 7.57 -11.54
C VAL F 93 15.61 8.98 -11.13
N LEU F 94 16.89 9.34 -11.26
CA LEU F 94 17.32 10.69 -10.91
C LEU F 94 16.61 11.72 -11.77
N ALA F 95 16.55 11.50 -13.07
CA ALA F 95 15.88 12.45 -13.95
C ALA F 95 14.41 12.57 -13.59
N LYS F 96 13.75 11.44 -13.33
CA LYS F 96 12.32 11.49 -13.04
C LYS F 96 12.05 12.17 -11.70
N VAL F 97 12.92 11.98 -10.71
CA VAL F 97 12.68 12.63 -9.42
C VAL F 97 12.99 14.12 -9.51
N MET F 98 13.98 14.53 -10.32
CA MET F 98 14.16 15.96 -10.55
C MET F 98 12.94 16.56 -11.24
N ALA F 99 12.36 15.84 -12.20
CA ALA F 99 11.14 16.33 -12.82
C ALA F 99 10.01 16.45 -11.81
N HIS F 100 9.90 15.46 -10.91
CA HIS F 100 8.87 15.52 -9.87
C HIS F 100 9.07 16.73 -8.98
N TRP F 101 10.31 17.04 -8.62
CA TRP F 101 10.58 18.24 -7.86
C TRP F 101 10.21 19.49 -8.66
N MET F 102 10.57 19.51 -9.94
CA MET F 102 10.30 20.68 -10.76
C MET F 102 8.81 20.96 -10.88
N VAL F 103 7.99 19.91 -10.91
CA VAL F 103 6.55 20.06 -11.00
C VAL F 103 5.88 20.20 -9.64
N THR F 104 6.56 19.81 -8.56
CA THR F 104 5.97 19.88 -7.22
C THR F 104 6.73 20.80 -6.28
N GLY F 105 8.06 20.69 -6.22
CA GLY F 105 8.82 21.54 -5.31
C GLY F 105 8.76 23.00 -5.70
N LEU F 106 8.92 23.29 -6.99
CA LEU F 106 8.88 24.67 -7.45
C LEU F 106 7.55 25.37 -7.16
N PRO F 107 6.38 24.75 -7.33
CA PRO F 107 5.14 25.41 -6.90
C PRO F 107 5.14 25.84 -5.44
N LEU F 108 5.80 25.08 -4.56
CA LEU F 108 5.95 25.53 -3.19
C LEU F 108 6.81 26.79 -3.11
N LEU F 109 7.88 26.84 -3.91
CA LEU F 109 8.76 28.01 -3.89
C LEU F 109 8.02 29.27 -4.33
N ILE F 110 7.25 29.18 -5.41
CA ILE F 110 6.54 30.36 -5.89
C ILE F 110 5.37 30.71 -4.98
N LEU F 111 4.94 29.78 -4.12
CA LEU F 111 3.85 30.05 -3.20
C LEU F 111 4.30 30.75 -1.93
N SER F 112 5.61 30.85 -1.68
CA SER F 112 6.09 31.42 -0.44
C SER F 112 5.66 32.87 -0.21
N PRO F 113 5.77 33.79 -1.18
CA PRO F 113 5.50 35.20 -0.84
C PRO F 113 4.11 35.44 -0.30
N LEU F 114 3.10 34.73 -0.82
CA LEU F 114 1.76 34.87 -0.26
C LEU F 114 1.71 34.35 1.17
N VAL F 115 2.42 33.24 1.45
CA VAL F 115 2.45 32.70 2.79
C VAL F 115 3.09 33.69 3.75
N ALA F 116 4.20 34.31 3.34
CA ALA F 116 4.90 35.24 4.21
C ALA F 116 4.00 36.41 4.60
N MET F 117 3.22 36.93 3.65
CA MET F 117 2.31 38.02 3.97
C MET F 117 1.32 37.57 5.04
N LEU F 118 0.76 36.36 4.89
CA LEU F 118 -0.20 35.86 5.87
C LEU F 118 0.45 35.72 7.24
N LEU F 119 1.67 35.20 7.29
CA LEU F 119 2.33 34.91 8.57
C LEU F 119 3.18 36.06 9.08
N GLY F 120 3.21 37.19 8.37
CA GLY F 120 3.90 38.37 8.87
C GLY F 120 5.40 38.21 9.02
N MET F 121 6.05 37.61 8.04
CA MET F 121 7.50 37.49 8.06
C MET F 121 8.14 38.70 7.38
N ASP F 122 9.46 38.82 7.55
CA ASP F 122 10.20 39.94 6.98
C ASP F 122 10.96 39.49 5.73
N VAL F 123 11.62 40.45 5.10
CA VAL F 123 12.33 40.18 3.85
C VAL F 123 13.44 39.15 4.07
N TYR F 124 14.17 39.29 5.19
CA TYR F 124 15.13 38.26 5.56
C TYR F 124 14.44 36.93 5.79
N GLY F 125 13.23 36.97 6.37
CA GLY F 125 12.46 35.77 6.56
C GLY F 125 12.11 35.09 5.24
N TRP F 126 11.71 35.87 4.24
CA TRP F 126 11.41 35.25 2.95
C TRP F 126 12.68 34.78 2.25
N GLN F 127 13.79 35.48 2.44
CA GLN F 127 15.05 35.02 1.88
C GLN F 127 15.42 33.64 2.42
N VAL F 128 15.35 33.46 3.74
CA VAL F 128 15.67 32.16 4.31
C VAL F 128 14.58 31.14 3.96
N MET F 129 13.32 31.58 3.86
CA MET F 129 12.25 30.76 3.31
C MET F 129 12.71 30.09 2.03
N ALA F 130 13.06 30.91 1.04
CA ALA F 130 13.46 30.39 -0.26
C ALA F 130 14.71 29.52 -0.14
N LEU F 131 15.70 29.97 0.64
CA LEU F 131 16.94 29.22 0.72
C LEU F 131 16.73 27.81 1.28
N THR F 132 15.95 27.69 2.35
CA THR F 132 15.76 26.37 2.94
C THR F 132 14.78 25.53 2.13
N LEU F 133 13.75 26.14 1.55
CA LEU F 133 12.81 25.38 0.74
C LEU F 133 13.46 24.89 -0.55
N LEU F 134 14.29 25.73 -1.16
CA LEU F 134 14.98 25.32 -2.38
C LEU F 134 15.95 24.19 -2.12
N LEU F 135 16.55 24.15 -0.93
CA LEU F 135 17.46 23.08 -0.56
C LEU F 135 16.80 22.01 0.30
N GLY F 136 15.52 22.16 0.63
CA GLY F 136 14.85 21.17 1.44
C GLY F 136 13.97 20.24 0.64
N THR F 137 13.16 20.80 -0.26
CA THR F 137 12.27 19.98 -1.08
C THR F 137 13.00 18.96 -1.96
N PRO F 138 14.11 19.29 -2.64
CA PRO F 138 14.81 18.23 -3.37
C PRO F 138 15.25 17.10 -2.48
N THR F 139 15.68 17.41 -1.26
CA THR F 139 15.98 16.36 -0.30
C THR F 139 14.74 15.56 0.04
N LEU F 140 13.59 16.24 0.18
CA LEU F 140 12.34 15.53 0.43
C LEU F 140 12.06 14.51 -0.65
N GLY F 141 12.11 14.93 -1.91
CA GLY F 141 11.86 14.00 -3.00
C GLY F 141 12.88 12.89 -3.08
N PHE F 142 14.15 13.24 -2.89
CA PHE F 142 15.22 12.25 -2.99
C PHE F 142 15.06 11.17 -1.93
N LEU F 143 14.71 11.59 -0.72
CA LEU F 143 14.56 10.65 0.39
C LEU F 143 13.23 9.91 0.33
N GLY F 144 12.22 10.48 -0.33
CA GLY F 144 10.94 9.83 -0.43
C GLY F 144 10.84 8.84 -1.57
N ALA F 145 11.71 8.99 -2.56
CA ALA F 145 11.72 8.05 -3.68
C ALA F 145 11.89 6.60 -3.26
N PRO F 146 12.78 6.23 -2.31
CA PRO F 146 12.84 4.81 -1.90
C PRO F 146 11.52 4.28 -1.36
N GLY F 147 10.78 5.09 -0.60
CA GLY F 147 9.54 4.60 -0.02
C GLY F 147 8.51 4.25 -1.07
N VAL F 148 8.30 5.14 -2.03
CA VAL F 148 7.34 4.87 -3.10
C VAL F 148 7.84 3.74 -3.99
N ALA F 149 9.17 3.68 -4.21
CA ALA F 149 9.72 2.58 -5.01
C ALA F 149 9.44 1.25 -4.36
N LEU F 150 9.52 1.17 -3.04
CA LEU F 150 9.22 -0.07 -2.34
C LEU F 150 7.73 -0.36 -2.34
N THR F 151 6.89 0.65 -2.10
CA THR F 151 5.47 0.42 -1.89
C THR F 151 4.65 0.47 -3.17
N VAL F 152 5.28 0.64 -4.32
CA VAL F 152 4.51 0.72 -5.57
C VAL F 152 3.81 -0.61 -5.87
N GLY F 153 4.47 -1.73 -5.56
CA GLY F 153 3.87 -3.03 -5.84
C GLY F 153 2.62 -3.26 -5.02
N LEU F 154 2.59 -2.76 -3.78
CA LEU F 154 1.40 -2.90 -2.95
C LEU F 154 0.20 -2.20 -3.56
N LYS F 155 0.42 -1.00 -4.08
CA LYS F 155 -0.66 -0.14 -4.58
C LYS F 155 -1.67 0.12 -3.46
N ARG F 156 -1.13 0.30 -2.25
CA ARG F 156 -1.86 0.76 -1.08
C ARG F 156 -1.37 2.18 -0.80
N GLY F 157 -1.95 3.16 -1.49
CA GLY F 157 -1.56 4.53 -1.29
C GLY F 157 -2.20 5.12 -0.05
N GLY F 158 -1.40 5.40 0.97
CA GLY F 158 -1.96 5.89 2.21
C GLY F 158 -1.02 5.83 3.40
N VAL F 159 -1.50 5.25 4.49
CA VAL F 159 -0.81 5.33 5.78
C VAL F 159 0.57 4.68 5.72
N LEU F 160 0.70 3.60 4.94
CA LEU F 160 1.94 2.84 4.98
C LEU F 160 3.13 3.65 4.48
N LEU F 161 2.95 4.41 3.40
CA LEU F 161 4.03 5.25 2.91
C LEU F 161 4.42 6.31 3.91
N SER F 162 3.44 6.87 4.62
CA SER F 162 3.68 7.99 5.52
C SER F 162 4.48 7.62 6.75
N ILE F 163 4.73 6.35 7.01
CA ILE F 163 5.54 5.93 8.14
C ILE F 163 6.87 5.32 7.73
N LEU F 164 7.11 5.13 6.43
CA LEU F 164 8.35 4.53 5.98
C LEU F 164 9.41 5.56 5.62
N VAL F 165 9.02 6.76 5.23
CA VAL F 165 9.98 7.77 4.81
C VAL F 165 9.94 8.97 5.74
N LEU F 166 8.76 9.25 6.30
CA LEU F 166 8.64 10.41 7.18
C LEU F 166 9.59 10.37 8.36
N PRO F 167 9.81 9.24 9.05
CA PRO F 167 10.86 9.23 10.08
C PRO F 167 12.25 9.48 9.54
N LEU F 168 12.47 9.28 8.24
CA LEU F 168 13.77 9.58 7.66
C LEU F 168 14.01 11.06 7.48
N THR F 169 12.95 11.86 7.45
CA THR F 169 13.04 13.29 7.14
C THR F 169 13.30 14.15 8.37
N ILE F 170 13.52 13.54 9.53
CA ILE F 170 13.62 14.30 10.77
C ILE F 170 14.77 15.31 10.75
N PRO F 171 16.01 14.95 10.41
CA PRO F 171 17.09 15.94 10.48
C PRO F 171 16.86 17.15 9.57
N LEU F 172 16.29 16.91 8.39
CA LEU F 172 15.95 18.02 7.50
C LEU F 172 15.01 18.98 8.19
N LEU F 173 13.96 18.45 8.82
CA LEU F 173 12.99 19.29 9.50
C LEU F 173 13.65 20.08 10.62
N ILE F 174 14.45 19.40 11.45
CA ILE F 174 15.09 20.08 12.58
C ILE F 174 15.96 21.22 12.09
N PHE F 175 16.84 20.95 11.12
CA PHE F 175 17.78 21.98 10.70
C PHE F 175 17.07 23.11 9.99
N ALA F 176 16.05 22.80 9.18
CA ALA F 176 15.31 23.85 8.51
C ALA F 176 14.61 24.76 9.51
N THR F 177 13.91 24.17 10.47
CA THR F 177 13.18 25.01 11.42
C THR F 177 14.14 25.77 12.33
N ALA F 178 15.28 25.18 12.68
CA ALA F 178 16.25 25.91 13.50
C ALA F 178 16.84 27.09 12.73
N ALA F 179 17.16 26.89 11.46
CA ALA F 179 17.66 27.99 10.65
C ALA F 179 16.62 29.09 10.54
N MET F 180 15.36 28.73 10.31
CA MET F 180 14.35 29.75 10.12
C MET F 180 14.02 30.47 11.42
N ASP F 181 14.13 29.76 12.56
CA ASP F 181 14.01 30.42 13.85
C ASP F 181 15.15 31.40 14.07
N ALA F 182 16.38 30.99 13.77
CA ALA F 182 17.52 31.88 13.98
C ALA F 182 17.47 33.08 13.06
N ALA F 183 16.88 32.93 11.87
CA ALA F 183 16.80 34.05 10.93
C ALA F 183 15.96 35.18 11.50
N SER F 184 14.83 34.87 12.13
CA SER F 184 13.99 35.91 12.71
C SER F 184 14.73 36.69 13.78
N MET F 185 15.77 36.10 14.37
CA MET F 185 16.61 36.78 15.33
C MET F 185 17.78 37.50 14.68
N HIS F 186 17.81 37.54 13.34
CA HIS F 186 18.84 38.27 12.59
C HIS F 186 20.24 37.76 12.91
N LEU F 187 20.37 36.48 13.11
CA LEU F 187 21.74 35.99 13.18
C LEU F 187 22.14 35.39 11.85
N PRO F 188 23.43 35.47 11.49
CA PRO F 188 23.87 34.85 10.23
C PRO F 188 23.56 33.37 10.23
N VAL F 189 23.14 32.87 9.06
CA VAL F 189 22.66 31.51 8.91
C VAL F 189 23.49 30.75 7.86
N ASP F 190 24.69 31.24 7.58
CA ASP F 190 25.52 30.64 6.53
C ASP F 190 25.89 29.20 6.87
N GLY F 191 26.28 28.94 8.13
CA GLY F 191 26.64 27.59 8.52
C GLY F 191 25.47 26.63 8.41
N TYR F 192 24.28 27.06 8.82
CA TYR F 192 23.11 26.22 8.69
C TYR F 192 22.82 25.93 7.21
N LEU F 193 22.97 26.96 6.37
CA LEU F 193 22.79 26.77 4.93
C LEU F 193 23.76 25.74 4.40
N ALA F 194 25.01 25.79 4.85
CA ALA F 194 26.00 24.80 4.45
C ALA F 194 25.60 23.41 4.90
N ILE F 195 25.04 23.29 6.11
CA ILE F 195 24.62 21.98 6.60
C ILE F 195 23.49 21.43 5.74
N LEU F 196 22.51 22.27 5.39
CA LEU F 196 21.44 21.83 4.51
C LEU F 196 21.99 21.40 3.15
N GLY F 197 22.92 22.17 2.60
CA GLY F 197 23.51 21.80 1.32
C GLY F 197 24.25 20.48 1.40
N ALA F 198 24.98 20.25 2.50
CA ALA F 198 25.68 18.99 2.68
C ALA F 198 24.70 17.83 2.78
N LEU F 199 23.59 18.02 3.48
CA LEU F 199 22.59 16.96 3.55
C LEU F 199 22.02 16.64 2.18
N LEU F 200 21.72 17.68 1.39
CA LEU F 200 21.20 17.46 0.05
C LEU F 200 22.21 16.74 -0.82
N ALA F 201 23.48 17.12 -0.73
CA ALA F 201 24.51 16.45 -1.52
C ALA F 201 24.67 15.00 -1.10
N GLY F 202 24.62 14.73 0.20
CA GLY F 202 24.72 13.35 0.68
C GLY F 202 23.57 12.49 0.21
N THR F 203 22.35 13.00 0.30
CA THR F 203 21.21 12.25 -0.21
C THR F 203 21.12 12.25 -1.72
N ALA F 204 21.96 13.05 -2.39
CA ALA F 204 21.90 13.11 -3.84
C ALA F 204 22.51 11.87 -4.50
N THR F 205 23.37 11.16 -3.78
CA THR F 205 24.06 10.01 -4.35
C THR F 205 23.49 8.68 -3.90
N LEU F 206 23.22 8.53 -2.60
CA LEU F 206 22.74 7.25 -2.09
C LEU F 206 21.34 6.94 -2.59
N SER F 207 20.47 7.96 -2.63
CA SER F 207 19.09 7.74 -3.01
C SER F 207 18.91 7.16 -4.41
N PRO F 208 19.62 7.62 -5.45
CA PRO F 208 19.42 7.00 -6.77
C PRO F 208 19.74 5.51 -6.78
N PHE F 209 20.87 5.10 -6.23
CA PHE F 209 21.22 3.68 -6.20
C PHE F 209 20.20 2.90 -5.37
N ALA F 210 19.81 3.45 -4.22
CA ALA F 210 18.85 2.77 -3.36
C ALA F 210 17.52 2.56 -4.08
N THR F 211 17.02 3.59 -4.76
CA THR F 211 15.76 3.45 -5.47
C THR F 211 15.89 2.52 -6.67
N ALA F 212 17.05 2.51 -7.32
CA ALA F 212 17.25 1.56 -8.42
C ALA F 212 17.13 0.13 -7.92
N ALA F 213 17.82 -0.19 -6.83
CA ALA F 213 17.70 -1.52 -6.25
C ALA F 213 16.28 -1.79 -5.79
N ALA F 214 15.62 -0.79 -5.19
CA ALA F 214 14.26 -0.97 -4.71
C ALA F 214 13.30 -1.29 -5.84
N LEU F 215 13.40 -0.56 -6.96
CA LEU F 215 12.53 -0.83 -8.09
C LEU F 215 12.83 -2.19 -8.70
N ARG F 216 14.11 -2.54 -8.83
CA ARG F 216 14.45 -3.86 -9.37
C ARG F 216 13.85 -4.96 -8.51
N ILE F 217 13.84 -4.77 -7.19
CA ILE F 217 13.23 -5.75 -6.32
C ILE F 217 11.70 -5.74 -6.48
N SER F 218 11.10 -4.55 -6.52
CA SER F 218 9.64 -4.45 -6.51
C SER F 218 9.02 -4.97 -7.80
N ILE F 219 9.73 -4.88 -8.92
CA ILE F 219 9.19 -5.44 -10.16
C ILE F 219 9.05 -6.94 -10.05
N GLN F 220 10.03 -7.62 -9.48
CA GLN F 220 9.97 -9.05 -9.27
C GLN F 220 8.89 -9.41 -8.24
CHA HEM G . 23.33 4.39 28.07
CHB HEM G . 18.83 6.11 27.70
CHC HEM G . 19.33 8.17 32.05
CHD HEM G . 24.03 6.96 32.11
C1A HEM G . 22.14 4.82 27.53
C2A HEM G . 21.80 4.88 26.12
C3A HEM G . 20.56 5.36 26.02
C4A HEM G . 20.07 5.61 27.36
CMA HEM G . 19.79 5.59 24.71
CAA HEM G . 22.72 4.48 24.95
CBA HEM G . 23.90 5.42 24.88
CGA HEM G . 24.94 4.88 23.92
O1A HEM G . 25.97 5.56 23.70
O2A HEM G . 24.73 3.76 23.38
C1B HEM G . 18.56 6.82 28.85
C2B HEM G . 17.30 7.47 29.17
C3B HEM G . 17.43 8.04 30.37
C4B HEM G . 18.77 7.77 30.86
CMB HEM G . 16.04 7.50 28.28
CAB HEM G . 16.30 8.85 31.06
CBB HEM G . 16.46 9.47 32.25
C1C HEM G . 20.67 8.11 32.40
C2C HEM G . 21.30 8.89 33.43
C3C HEM G . 22.60 8.57 33.47
C4C HEM G . 22.84 7.57 32.43
CMC HEM G . 20.60 9.90 34.36
CAC HEM G . 23.61 9.20 34.46
CBC HEM G . 24.90 8.85 34.50
C1D HEM G . 24.25 6.13 31.03
C2D HEM G . 25.49 5.45 30.71
C3D HEM G . 25.30 4.74 29.59
C4D HEM G . 23.93 4.94 29.17
CMD HEM G . 26.81 5.54 31.51
CAD HEM G . 26.34 3.85 28.87
CBD HEM G . 26.83 4.58 27.62
CGD HEM G . 27.23 3.59 26.56
O1D HEM G . 27.83 4.01 25.54
O2D HEM G . 26.95 2.37 26.74
NA HEM G . 21.06 5.27 28.25
NB HEM G . 19.42 7.02 29.90
NC HEM G . 21.63 7.33 31.80
ND HEM G . 23.32 5.80 30.07
FE HEM G . 21.36 6.35 30.00
MG MG H . 0.19 -13.82 -19.07
PG ATP I . -2.42 -15.60 -18.94
O1G ATP I . -2.00 -16.37 -20.16
O2G ATP I . -3.90 -15.69 -18.62
O3G ATP I . -1.84 -14.20 -18.85
PB ATP I . -0.13 -16.55 -17.71
O1B ATP I . 0.25 -17.57 -18.75
O2B ATP I . 0.50 -15.18 -17.73
O3B ATP I . -1.72 -16.38 -17.73
PA ATP I . 1.44 -16.76 -15.44
O1A ATP I . 1.07 -15.56 -14.60
O2A ATP I . 2.61 -16.69 -16.40
O3A ATP I . 0.14 -17.21 -16.27
O5' ATP I . 1.65 -18.01 -14.46
C5' ATP I . 2.58 -17.92 -13.38
C4' ATP I . 2.20 -18.96 -12.33
O4' ATP I . 2.79 -18.60 -11.09
C3' ATP I . 0.70 -19.00 -12.12
O3' ATP I . 0.19 -20.28 -12.46
C2' ATP I . 0.46 -18.72 -10.65
O2' ATP I . -0.25 -19.80 -10.06
C1' ATP I . 1.84 -18.60 -10.02
N9 ATP I . 1.96 -17.32 -9.27
C8 ATP I . 2.43 -17.20 -8.01
N7 ATP I . 2.41 -15.91 -7.60
C5 ATP I . 1.91 -15.17 -8.61
C6 ATP I . 1.62 -13.74 -8.82
N6 ATP I . 1.86 -12.82 -7.86
N1 ATP I . 1.11 -13.38 -10.02
C2 ATP I . 0.86 -14.28 -10.98
N3 ATP I . 1.10 -15.60 -10.85
C4 ATP I . 1.61 -16.10 -9.71
#